data_4WPH
#
_entry.id   4WPH
#
_cell.length_a   92.336
_cell.length_b   92.336
_cell.length_c   190.283
_cell.angle_alpha   90.000
_cell.angle_beta   90.000
_cell.angle_gamma   120.000
#
_symmetry.space_group_name_H-M   'P 32 2 1'
#
loop_
_entity.id
_entity.type
_entity.pdbx_description
1 polymer 'Ubiquitin carboxyl-terminal hydrolase 7'
2 polymer ICP0
3 non-polymer 'CHLORIDE ION'
4 water water
#
loop_
_entity_poly.entity_id
_entity_poly.type
_entity_poly.pdbx_seq_one_letter_code
_entity_poly.pdbx_strand_id
1 'polypeptide(L)'
;MGSSHHHHHHSSGRENLYFQGDIPQQLVERLQEEKRIEAQKRKERQEAHLYMQVQIVAEDQFCGHQGNDMYDEEKVKYTV
FKVLKNSSLAEFVQSLSQTMGFPQDQIRLWPMQARSNGTKRPAMLDNEADGNKTMIELSDNENPWTIFLETVDPELAASG
ATLPKFDKDHDVMLFLKMYDPKTRSLNYCGHIYTPISCKIRDLLPVMCDRAGFIQDTSLILYEEVKPNLTERIQDYDVSL
DKALDELMDGDIIVFQKDDPENDNSELPTAKEYFRDLYHRVDVIFCDKTIPNDPGFVVTLSNRMNYFQVAKTVAQRLNTD
PMLLQFFKSQGYRDGPGNPLRHNYEGTLRDLLQFFKPRQPKKLYYQQLKMKITDF
;
A,B
2 'polypeptide(L)' GPRKCARKTRH C,D
#
loop_
_chem_comp.id
_chem_comp.type
_chem_comp.name
_chem_comp.formula
CL non-polymer 'CHLORIDE ION' 'Cl -1'
#
# COMPACT_ATOMS: atom_id res chain seq x y z
N LEU A 27 2.78 38.95 -9.74
CA LEU A 27 1.30 38.96 -9.46
C LEU A 27 0.45 38.70 -10.70
N VAL A 28 0.78 39.33 -11.83
CA VAL A 28 -0.06 39.26 -13.04
C VAL A 28 -0.19 37.83 -13.59
N GLU A 29 0.93 37.15 -13.82
CA GLU A 29 0.93 35.74 -14.26
C GLU A 29 0.67 34.79 -13.08
N ARG A 30 0.96 35.27 -11.87
CA ARG A 30 0.68 34.54 -10.62
C ARG A 30 -0.81 34.40 -10.37
N LEU A 31 -1.58 35.44 -10.72
CA LEU A 31 -3.03 35.43 -10.53
C LEU A 31 -3.78 34.57 -11.57
N GLN A 32 -3.11 34.23 -12.68
CA GLN A 32 -3.69 33.31 -13.69
C GLN A 32 -3.59 31.86 -13.27
N GLU A 33 -2.48 31.51 -12.61
CA GLU A 33 -2.24 30.15 -12.13
C GLU A 33 -3.19 29.77 -10.99
N GLU A 34 -3.58 30.75 -10.18
CA GLU A 34 -4.55 30.53 -9.09
C GLU A 34 -5.97 30.29 -9.62
N LYS A 35 -6.22 30.74 -10.85
CA LYS A 35 -7.47 30.49 -11.55
C LYS A 35 -7.44 29.16 -12.32
N ARG A 36 -6.30 28.83 -12.93
CA ARG A 36 -6.10 27.53 -13.58
C ARG A 36 -6.21 26.34 -12.62
N ILE A 37 -5.75 26.52 -11.38
CA ILE A 37 -5.77 25.46 -10.35
C ILE A 37 -7.19 25.19 -9.84
N GLU A 38 -7.95 26.26 -9.61
CA GLU A 38 -9.36 26.13 -9.25
C GLU A 38 -10.20 25.57 -10.40
N ALA A 39 -9.73 25.79 -11.64
CA ALA A 39 -10.41 25.26 -12.82
C ALA A 39 -10.23 23.76 -13.00
N GLN A 40 -8.98 23.29 -12.83
CA GLN A 40 -8.66 21.85 -12.94
C GLN A 40 -9.18 21.03 -11.76
N LYS A 41 -9.14 21.60 -10.55
CA LYS A 41 -9.59 20.89 -9.34
C LYS A 41 -11.10 20.77 -9.22
N ARG A 42 -11.84 21.58 -9.96
CA ARG A 42 -13.31 21.46 -9.99
C ARG A 42 -13.79 20.49 -11.07
N LYS A 43 -13.06 20.39 -12.18
CA LYS A 43 -13.33 19.37 -13.19
C LYS A 43 -13.09 17.97 -12.63
N GLU A 44 -12.14 17.87 -11.71
CA GLU A 44 -11.83 16.59 -11.08
C GLU A 44 -12.86 16.23 -10.02
N ARG A 45 -13.38 17.22 -9.30
CA ARG A 45 -14.43 16.96 -8.30
C ARG A 45 -15.67 16.39 -8.96
N GLN A 46 -16.04 16.97 -10.09
CA GLN A 46 -17.21 16.51 -10.85
C GLN A 46 -17.01 15.10 -11.40
N GLU A 47 -15.80 14.80 -11.85
CA GLU A 47 -15.53 13.51 -12.54
C GLU A 47 -15.40 12.32 -11.58
N ALA A 48 -15.13 12.60 -10.30
CA ALA A 48 -14.74 11.58 -9.34
C ALA A 48 -15.77 10.49 -9.07
N HIS A 49 -17.03 10.76 -9.38
CA HIS A 49 -18.09 9.75 -9.30
C HIS A 49 -17.99 8.70 -10.43
N LEU A 50 -17.33 9.06 -11.52
CA LEU A 50 -17.11 8.12 -12.63
C LEU A 50 -16.01 7.09 -12.36
N TYR A 51 -15.25 7.30 -11.29
CA TYR A 51 -14.10 6.47 -10.98
C TYR A 51 -14.30 5.62 -9.73
N MET A 52 -13.51 4.56 -9.64
CA MET A 52 -13.51 3.69 -8.47
C MET A 52 -12.10 3.21 -8.15
N GLN A 53 -11.86 2.96 -6.86
CA GLN A 53 -10.61 2.37 -6.38
C GLN A 53 -10.63 0.86 -6.58
N VAL A 54 -9.54 0.33 -7.12
CA VAL A 54 -9.28 -1.08 -7.02
C VAL A 54 -7.99 -1.24 -6.24
N GLN A 55 -8.06 -2.07 -5.19
CA GLN A 55 -6.95 -2.29 -4.29
C GLN A 55 -6.43 -3.70 -4.51
N ILE A 56 -5.20 -3.79 -4.98
CA ILE A 56 -4.61 -5.08 -5.25
C ILE A 56 -3.73 -5.46 -4.09
N VAL A 57 -4.04 -6.63 -3.52
CA VAL A 57 -3.28 -7.17 -2.40
C VAL A 57 -2.61 -8.45 -2.89
N ALA A 58 -1.39 -8.65 -2.39
CA ALA A 58 -0.54 -9.73 -2.87
C ALA A 58 -0.26 -10.72 -1.74
N GLU A 59 -0.07 -11.99 -2.10
CA GLU A 59 0.08 -13.06 -1.10
C GLU A 59 1.13 -12.77 -0.05
N ASP A 60 2.18 -12.03 -0.41
CA ASP A 60 3.26 -11.79 0.57
C ASP A 60 2.69 -11.10 1.81
N GLN A 61 1.58 -10.39 1.64
CA GLN A 61 0.89 -9.76 2.75
C GLN A 61 0.19 -10.72 3.71
N PHE A 62 0.09 -12.00 3.38
CA PHE A 62 -0.61 -12.92 4.27
C PHE A 62 0.36 -13.53 5.29
N CYS A 63 1.63 -13.57 4.94
CA CYS A 63 2.62 -14.15 5.85
C CYS A 63 2.59 -13.38 7.16
N GLY A 64 2.71 -14.09 8.28
CA GLY A 64 2.76 -13.41 9.60
C GLY A 64 1.44 -12.94 10.19
N HIS A 65 0.37 -12.98 9.42
CA HIS A 65 -0.92 -12.50 9.93
C HIS A 65 -1.38 -13.45 11.00
N GLN A 66 -1.68 -12.93 12.17
CA GLN A 66 -2.04 -13.75 13.32
C GLN A 66 -3.52 -13.89 13.54
N GLY A 67 -4.33 -13.29 12.67
CA GLY A 67 -5.75 -13.17 12.91
C GLY A 67 -6.60 -14.08 12.06
N ASN A 68 -7.88 -13.75 12.02
CA ASN A 68 -8.85 -14.46 11.20
C ASN A 68 -8.77 -13.94 9.80
N ASP A 69 -9.17 -14.78 8.87
CA ASP A 69 -8.96 -14.52 7.45
C ASP A 69 -7.47 -14.32 7.14
N MET A 70 -7.17 -13.65 6.04
CA MET A 70 -5.87 -13.78 5.41
C MET A 70 -4.92 -12.67 5.70
N TYR A 71 -5.49 -11.51 6.05
CA TYR A 71 -4.71 -10.34 6.37
C TYR A 71 -5.54 -9.37 7.12
N ASP A 72 -4.85 -8.42 7.76
CA ASP A 72 -5.46 -7.31 8.52
C ASP A 72 -5.79 -6.20 7.56
N GLU A 73 -7.04 -5.76 7.53
CA GLU A 73 -7.45 -4.70 6.59
C GLU A 73 -6.60 -3.46 6.74
N GLU A 74 -6.16 -3.21 7.96
CA GLU A 74 -5.53 -1.94 8.34
C GLU A 74 -4.03 -1.98 8.07
N LYS A 75 -3.42 -3.12 8.31
CA LYS A 75 -1.97 -3.22 8.27
C LYS A 75 -1.46 -3.59 6.90
N VAL A 76 -2.32 -4.13 6.05
CA VAL A 76 -1.91 -4.62 4.73
C VAL A 76 -1.52 -3.43 3.82
N LYS A 77 -0.76 -3.72 2.80
CA LYS A 77 -0.25 -2.75 1.87
C LYS A 77 -0.75 -3.02 0.46
N TYR A 78 -1.47 -2.08 -0.13
CA TYR A 78 -2.04 -2.31 -1.46
C TYR A 78 -1.30 -1.58 -2.58
N THR A 79 -1.45 -2.11 -3.80
CA THR A 79 -1.22 -1.36 -5.05
C THR A 79 -2.58 -0.80 -5.51
N VAL A 80 -2.64 0.49 -5.83
CA VAL A 80 -3.92 1.18 -5.98
C VAL A 80 -4.20 1.66 -7.38
N PHE A 81 -5.39 1.36 -7.88
CA PHE A 81 -5.73 1.67 -9.26
C PHE A 81 -6.96 2.53 -9.30
N LYS A 82 -6.90 3.58 -10.11
CA LYS A 82 -8.03 4.46 -10.34
C LYS A 82 -8.61 4.11 -11.69
N VAL A 83 -9.82 3.58 -11.68
CA VAL A 83 -10.40 2.92 -12.83
C VAL A 83 -11.82 3.40 -13.09
N LEU A 84 -12.12 3.70 -14.35
CA LEU A 84 -13.48 4.05 -14.76
C LEU A 84 -14.46 2.95 -14.39
N LYS A 85 -15.53 3.32 -13.67
CA LYS A 85 -16.55 2.36 -13.23
C LYS A 85 -17.09 1.51 -14.35
N ASN A 86 -17.25 2.11 -15.51
CA ASN A 86 -17.79 1.40 -16.66
C ASN A 86 -16.71 0.83 -17.58
N SER A 87 -15.46 0.83 -17.14
CA SER A 87 -14.38 0.18 -17.93
C SER A 87 -14.56 -1.35 -17.90
N SER A 88 -13.84 -2.06 -18.77
CA SER A 88 -13.95 -3.52 -18.80
C SER A 88 -12.85 -4.20 -17.96
N LEU A 89 -13.04 -5.50 -17.73
CA LEU A 89 -12.06 -6.29 -17.00
C LEU A 89 -10.79 -6.41 -17.82
N ALA A 90 -10.91 -6.85 -19.06
CA ALA A 90 -9.75 -7.06 -19.94
C ALA A 90 -8.84 -5.85 -19.95
N GLU A 91 -9.45 -4.67 -19.92
CA GLU A 91 -8.70 -3.41 -19.87
C GLU A 91 -7.88 -3.38 -18.60
N PHE A 92 -8.55 -3.58 -17.47
CA PHE A 92 -7.90 -3.63 -16.18
C PHE A 92 -6.77 -4.64 -16.13
N VAL A 93 -7.08 -5.87 -16.54
CA VAL A 93 -6.08 -6.92 -16.56
C VAL A 93 -4.84 -6.47 -17.33
N GLN A 94 -5.04 -5.81 -18.46
CA GLN A 94 -3.92 -5.38 -19.29
C GLN A 94 -3.10 -4.32 -18.59
N SER A 95 -3.79 -3.29 -18.12
CA SER A 95 -3.16 -2.27 -17.34
C SER A 95 -2.45 -2.92 -16.16
N LEU A 96 -3.13 -3.85 -15.53
CA LEU A 96 -2.56 -4.54 -14.39
C LEU A 96 -1.27 -5.28 -14.77
N SER A 97 -1.34 -6.18 -15.75
CA SER A 97 -0.19 -7.04 -16.03
C SER A 97 1.02 -6.23 -16.46
N GLN A 98 0.74 -5.18 -17.21
CA GLN A 98 1.79 -4.31 -17.68
C GLN A 98 2.37 -3.44 -16.56
N THR A 99 1.50 -2.88 -15.72
CA THR A 99 1.94 -2.15 -14.52
C THR A 99 2.78 -3.03 -13.57
N MET A 100 2.19 -4.15 -13.12
CA MET A 100 2.81 -5.07 -12.14
C MET A 100 4.00 -5.85 -12.70
N GLY A 101 4.10 -5.96 -14.03
CA GLY A 101 5.21 -6.63 -14.70
C GLY A 101 5.07 -8.13 -14.89
N PHE A 102 3.87 -8.60 -15.15
CA PHE A 102 3.64 -10.03 -15.33
C PHE A 102 2.96 -10.24 -16.67
N PRO A 103 3.07 -11.45 -17.23
CA PRO A 103 2.23 -11.69 -18.40
C PRO A 103 0.77 -11.83 -18.00
N GLN A 104 -0.13 -11.50 -18.91
CA GLN A 104 -1.57 -11.57 -18.66
C GLN A 104 -2.04 -12.98 -18.28
N ASP A 105 -1.41 -14.01 -18.84
CA ASP A 105 -1.83 -15.40 -18.55
C ASP A 105 -1.09 -16.03 -17.37
N GLN A 106 -0.24 -15.25 -16.70
CA GLN A 106 0.50 -15.72 -15.52
C GLN A 106 0.02 -15.06 -14.24
N ILE A 107 -1.22 -14.55 -14.28
CA ILE A 107 -1.87 -14.00 -13.09
C ILE A 107 -3.30 -14.49 -12.95
N ARG A 108 -3.79 -14.55 -11.71
CA ARG A 108 -5.19 -14.88 -11.47
C ARG A 108 -5.77 -13.94 -10.43
N LEU A 109 -7.01 -13.51 -10.68
CA LEU A 109 -7.69 -12.53 -9.85
C LEU A 109 -8.72 -13.22 -8.97
N TRP A 110 -8.67 -12.91 -7.69
CA TRP A 110 -9.55 -13.50 -6.70
C TRP A 110 -10.17 -12.38 -5.87
N PRO A 111 -11.29 -11.83 -6.33
CA PRO A 111 -11.85 -10.67 -5.66
C PRO A 111 -12.13 -10.98 -4.24
N MET A 112 -11.84 -10.03 -3.36
CA MET A 112 -12.11 -10.22 -1.95
C MET A 112 -13.57 -9.88 -1.66
N GLN A 113 -14.24 -10.78 -0.95
CA GLN A 113 -15.69 -10.74 -0.78
C GLN A 113 -16.07 -10.68 0.71
N ALA A 114 -16.70 -9.60 1.12
CA ALA A 114 -17.15 -9.45 2.50
C ALA A 114 -18.40 -10.27 2.68
N ARG A 115 -18.38 -11.20 3.61
CA ARG A 115 -19.53 -12.08 3.79
C ARG A 115 -20.34 -11.77 5.03
N SER A 116 -21.61 -12.19 4.97
CA SER A 116 -22.60 -11.99 6.01
C SER A 116 -22.14 -12.52 7.38
N ASN A 117 -21.40 -13.62 7.35
CA ASN A 117 -20.90 -14.27 8.58
C ASN A 117 -19.69 -13.61 9.25
N GLY A 118 -19.28 -12.45 8.75
CA GLY A 118 -18.16 -11.70 9.31
C GLY A 118 -16.80 -12.20 8.87
N THR A 119 -16.70 -12.65 7.63
CA THR A 119 -15.41 -12.98 7.06
C THR A 119 -15.25 -12.22 5.78
N LYS A 120 -14.00 -11.98 5.40
CA LYS A 120 -13.70 -11.50 4.06
C LYS A 120 -12.77 -12.52 3.42
N ARG A 121 -13.13 -12.96 2.21
CA ARG A 121 -12.40 -14.05 1.56
C ARG A 121 -12.19 -13.81 0.08
N PRO A 122 -11.09 -14.34 -0.47
CA PRO A 122 -10.95 -14.39 -1.90
C PRO A 122 -12.08 -15.19 -2.46
N ALA A 123 -12.69 -14.67 -3.50
CA ALA A 123 -13.79 -15.36 -4.15
C ALA A 123 -13.42 -15.59 -5.61
N MET A 124 -14.28 -16.28 -6.34
CA MET A 124 -13.97 -16.64 -7.71
C MET A 124 -14.29 -15.51 -8.68
N LEU A 125 -13.62 -15.52 -9.83
CA LEU A 125 -13.99 -14.64 -10.93
C LEU A 125 -13.71 -15.24 -12.33
N LYS A 133 -18.31 -7.19 -19.17
CA LYS A 133 -19.02 -6.54 -18.07
C LYS A 133 -18.18 -5.42 -17.46
N THR A 134 -18.85 -4.44 -16.84
CA THR A 134 -18.16 -3.31 -16.23
C THR A 134 -17.51 -3.65 -14.89
N MET A 135 -16.42 -2.95 -14.57
CA MET A 135 -15.73 -3.13 -13.30
C MET A 135 -16.67 -2.96 -12.10
N ILE A 136 -17.48 -1.89 -12.12
CA ILE A 136 -18.38 -1.60 -11.00
C ILE A 136 -19.45 -2.67 -10.80
N GLU A 137 -19.93 -3.30 -11.86
CA GLU A 137 -20.90 -4.36 -11.68
C GLU A 137 -20.22 -5.63 -11.15
N LEU A 138 -18.98 -5.89 -11.57
CA LEU A 138 -18.20 -7.02 -11.04
C LEU A 138 -17.89 -6.86 -9.56
N SER A 139 -17.65 -5.62 -9.13
CA SER A 139 -17.43 -5.31 -7.71
C SER A 139 -18.71 -5.34 -6.88
N ASP A 140 -19.83 -5.60 -7.54
CA ASP A 140 -21.14 -5.55 -6.91
C ASP A 140 -21.36 -4.19 -6.25
N ASN A 141 -21.10 -3.12 -7.01
CA ASN A 141 -21.16 -1.73 -6.53
C ASN A 141 -20.20 -1.36 -5.41
N GLU A 142 -19.32 -2.27 -5.02
CA GLU A 142 -18.41 -1.98 -3.91
C GLU A 142 -17.22 -1.14 -4.39
N ASN A 143 -16.76 -0.24 -3.53
CA ASN A 143 -15.74 0.74 -3.89
C ASN A 143 -15.22 1.41 -2.62
N PRO A 144 -13.96 1.12 -2.21
CA PRO A 144 -12.91 0.42 -2.94
C PRO A 144 -13.17 -1.06 -3.07
N TRP A 145 -12.78 -1.61 -4.22
CA TRP A 145 -12.83 -3.01 -4.47
C TRP A 145 -11.46 -3.59 -4.23
N THR A 146 -11.37 -4.63 -3.42
CA THR A 146 -10.09 -5.25 -3.15
C THR A 146 -10.01 -6.63 -3.82
N ILE A 147 -8.83 -6.91 -4.35
CA ILE A 147 -8.63 -8.11 -5.14
C ILE A 147 -7.34 -8.79 -4.73
N PHE A 148 -7.42 -10.09 -4.44
CA PHE A 148 -6.22 -10.89 -4.21
C PHE A 148 -5.68 -11.29 -5.56
N LEU A 149 -4.47 -10.84 -5.85
CA LEU A 149 -3.82 -11.16 -7.09
C LEU A 149 -2.81 -12.27 -6.91
N GLU A 150 -3.19 -13.47 -7.31
CA GLU A 150 -2.25 -14.58 -7.34
C GLU A 150 -1.35 -14.37 -8.54
N THR A 151 -0.05 -14.50 -8.32
CA THR A 151 0.94 -14.53 -9.37
C THR A 151 1.90 -15.62 -9.04
N VAL A 152 2.80 -15.91 -9.95
CA VAL A 152 3.83 -16.89 -9.65
C VAL A 152 4.96 -16.17 -8.95
N ASP A 153 5.61 -16.87 -8.03
CA ASP A 153 6.78 -16.33 -7.39
C ASP A 153 7.83 -16.07 -8.47
N PRO A 154 8.23 -14.81 -8.67
CA PRO A 154 9.21 -14.46 -9.71
C PRO A 154 10.52 -15.27 -9.65
N GLU A 155 10.99 -15.61 -8.44
CA GLU A 155 12.12 -16.52 -8.26
C GLU A 155 11.85 -17.90 -8.89
N LEU A 156 10.73 -18.51 -8.52
CA LEU A 156 10.37 -19.84 -9.03
C LEU A 156 10.01 -19.84 -10.53
N ALA A 157 9.50 -18.71 -11.04
CA ALA A 157 9.15 -18.55 -12.46
C ALA A 157 10.41 -18.44 -13.32
N ALA A 158 11.47 -17.85 -12.74
CA ALA A 158 12.79 -17.83 -13.35
C ALA A 158 13.33 -19.24 -13.63
N SER A 159 12.85 -20.26 -12.90
CA SER A 159 13.17 -21.67 -13.17
C SER A 159 11.99 -22.51 -13.72
N GLY A 160 11.07 -21.86 -14.43
CA GLY A 160 10.01 -22.56 -15.16
C GLY A 160 8.70 -22.82 -14.45
N ALA A 161 8.48 -22.19 -13.30
CA ALA A 161 7.18 -22.30 -12.64
C ALA A 161 6.16 -21.46 -13.39
N THR A 162 4.92 -21.93 -13.36
CA THR A 162 3.81 -21.31 -14.07
C THR A 162 2.53 -21.28 -13.25
N LEU A 163 1.58 -20.47 -13.69
CA LEU A 163 0.32 -20.37 -13.00
C LEU A 163 -0.42 -21.68 -13.24
N PRO A 164 -0.71 -22.42 -12.16
CA PRO A 164 -1.40 -23.70 -12.27
C PRO A 164 -2.82 -23.50 -12.71
N LYS A 165 -3.37 -24.42 -13.49
CA LYS A 165 -4.73 -24.14 -13.90
C LYS A 165 -5.74 -24.65 -12.91
N PHE A 166 -6.94 -24.13 -13.10
CA PHE A 166 -7.96 -24.18 -12.11
C PHE A 166 -9.27 -24.50 -12.80
N ASP A 167 -9.78 -25.69 -12.54
CA ASP A 167 -11.05 -26.07 -13.09
C ASP A 167 -12.08 -25.46 -12.19
N LYS A 168 -12.65 -24.34 -12.60
CA LYS A 168 -13.57 -23.60 -11.73
C LYS A 168 -14.71 -24.46 -11.20
N ASP A 169 -14.90 -25.65 -11.76
CA ASP A 169 -15.99 -26.55 -11.33
C ASP A 169 -15.52 -27.76 -10.50
N HIS A 170 -14.36 -28.33 -10.83
CA HIS A 170 -13.88 -29.55 -10.15
C HIS A 170 -12.74 -29.37 -9.16
N ASP A 171 -12.09 -28.22 -9.25
CA ASP A 171 -11.00 -27.86 -8.33
C ASP A 171 -11.47 -26.87 -7.28
N VAL A 172 -10.69 -26.71 -6.21
CA VAL A 172 -10.93 -25.69 -5.20
C VAL A 172 -9.62 -25.14 -4.70
N MET A 173 -9.58 -23.83 -4.46
CA MET A 173 -8.41 -23.23 -3.85
C MET A 173 -8.56 -23.13 -2.35
N LEU A 174 -7.57 -23.64 -1.63
CA LEU A 174 -7.61 -23.63 -0.17
C LEU A 174 -6.42 -22.92 0.44
N PHE A 175 -6.63 -22.37 1.64
CA PHE A 175 -5.57 -21.72 2.38
C PHE A 175 -5.20 -22.53 3.63
N LEU A 176 -3.91 -22.57 3.91
CA LEU A 176 -3.38 -23.39 4.98
C LEU A 176 -2.76 -22.53 6.06
N LYS A 177 -3.07 -22.83 7.30
CA LYS A 177 -2.42 -22.20 8.43
C LYS A 177 -1.98 -23.28 9.42
N MET A 178 -0.78 -23.10 9.98
CA MET A 178 -0.26 -23.98 11.00
C MET A 178 -0.23 -23.22 12.29
N TYR A 179 -0.91 -23.77 13.30
CA TYR A 179 -0.91 -23.22 14.65
C TYR A 179 0.13 -23.92 15.52
N ASP A 180 0.93 -23.13 16.24
CA ASP A 180 1.96 -23.65 17.14
C ASP A 180 1.61 -23.31 18.55
N PRO A 181 1.22 -24.31 19.33
CA PRO A 181 0.78 -24.05 20.72
C PRO A 181 1.90 -23.59 21.68
N LYS A 182 3.15 -23.96 21.38
CA LYS A 182 4.24 -23.50 22.24
C LYS A 182 4.30 -21.99 22.23
N THR A 183 4.45 -21.42 21.05
CA THR A 183 4.54 -19.98 20.92
C THR A 183 3.17 -19.34 20.82
N ARG A 184 2.13 -20.16 20.68
CA ARG A 184 0.77 -19.67 20.56
C ARG A 184 0.65 -18.69 19.37
N SER A 185 1.07 -19.17 18.19
CA SER A 185 1.10 -18.36 16.98
C SER A 185 0.60 -19.08 15.75
N LEU A 186 0.16 -18.28 14.78
CA LEU A 186 -0.26 -18.82 13.48
C LEU A 186 0.83 -18.63 12.44
N ASN A 187 0.99 -19.63 11.59
CA ASN A 187 1.99 -19.54 10.57
C ASN A 187 1.38 -19.87 9.25
N TYR A 188 1.21 -18.82 8.44
CA TYR A 188 0.66 -18.99 7.09
C TYR A 188 1.47 -20.01 6.31
N CYS A 189 0.78 -20.95 5.68
CA CYS A 189 1.42 -22.02 4.90
C CYS A 189 0.93 -22.01 3.46
N GLY A 190 0.51 -20.84 3.00
CA GLY A 190 0.23 -20.65 1.60
C GLY A 190 -1.10 -21.21 1.23
N HIS A 191 -1.24 -21.52 -0.06
CA HIS A 191 -2.49 -22.05 -0.60
C HIS A 191 -2.24 -23.28 -1.44
N ILE A 192 -3.31 -23.94 -1.83
CA ILE A 192 -3.22 -25.11 -2.65
C ILE A 192 -4.40 -25.18 -3.58
N TYR A 193 -4.16 -25.87 -4.67
CA TYR A 193 -5.17 -26.18 -5.64
C TYR A 193 -5.35 -27.68 -5.55
N THR A 194 -6.58 -28.12 -5.38
CA THR A 194 -6.83 -29.55 -5.33
C THR A 194 -8.17 -29.86 -5.94
N PRO A 195 -8.30 -31.07 -6.50
CA PRO A 195 -9.64 -31.54 -6.87
C PRO A 195 -10.52 -31.60 -5.64
N ILE A 196 -11.75 -31.15 -5.79
CA ILE A 196 -12.75 -31.20 -4.71
C ILE A 196 -12.94 -32.62 -4.19
N SER A 197 -12.81 -33.59 -5.09
CA SER A 197 -13.03 -35.00 -4.77
C SER A 197 -11.90 -35.63 -3.97
N CYS A 198 -10.85 -34.87 -3.70
CA CYS A 198 -9.68 -35.40 -3.01
C CYS A 198 -9.98 -35.60 -1.53
N LYS A 199 -9.39 -36.64 -0.96
CA LYS A 199 -9.58 -36.95 0.46
C LYS A 199 -8.75 -36.00 1.30
N ILE A 200 -9.25 -35.66 2.50
CA ILE A 200 -8.45 -34.87 3.44
C ILE A 200 -7.11 -35.56 3.72
N ARG A 201 -7.15 -36.86 3.96
CA ARG A 201 -5.96 -37.61 4.24
C ARG A 201 -4.88 -37.37 3.19
N ASP A 202 -5.30 -37.13 1.95
CA ASP A 202 -4.36 -36.96 0.85
C ASP A 202 -3.60 -35.62 0.85
N LEU A 203 -4.08 -34.68 1.67
CA LEU A 203 -3.44 -33.38 1.78
C LEU A 203 -2.41 -33.33 2.92
N LEU A 204 -2.46 -34.31 3.82
CA LEU A 204 -1.60 -34.33 4.99
C LEU A 204 -0.13 -34.25 4.66
N PRO A 205 0.31 -34.99 3.64
CA PRO A 205 1.72 -34.86 3.27
C PRO A 205 2.20 -33.42 3.04
N VAL A 206 1.37 -32.61 2.39
CA VAL A 206 1.73 -31.23 2.04
C VAL A 206 1.75 -30.29 3.26
N MET A 207 0.78 -30.47 4.15
CA MET A 207 0.71 -29.68 5.37
C MET A 207 1.93 -30.00 6.20
N CYS A 208 2.18 -31.27 6.40
CA CYS A 208 3.35 -31.73 7.13
C CYS A 208 4.59 -31.09 6.54
N ASP A 209 4.69 -31.11 5.23
CA ASP A 209 5.91 -30.61 4.62
C ASP A 209 6.05 -29.09 4.77
N ARG A 210 4.99 -28.35 4.46
CA ARG A 210 5.06 -26.89 4.54
C ARG A 210 5.37 -26.43 5.96
N ALA A 211 4.88 -27.19 6.94
CA ALA A 211 5.13 -26.87 8.34
C ALA A 211 6.53 -27.29 8.83
N GLY A 212 7.28 -27.95 7.96
CA GLY A 212 8.56 -28.52 8.36
C GLY A 212 8.46 -29.81 9.17
N PHE A 213 7.36 -30.53 9.03
CA PHE A 213 7.19 -31.79 9.74
C PHE A 213 7.43 -33.01 8.84
N ILE A 214 7.85 -34.09 9.48
CA ILE A 214 7.99 -35.40 8.84
C ILE A 214 6.67 -35.89 8.31
N GLN A 215 6.73 -36.59 7.20
CA GLN A 215 5.57 -37.25 6.65
C GLN A 215 4.94 -38.13 7.71
N ASP A 216 3.62 -38.21 7.68
CA ASP A 216 2.87 -39.05 8.64
C ASP A 216 3.05 -38.59 10.09
N THR A 217 3.42 -37.32 10.28
CA THR A 217 3.29 -36.68 11.58
C THR A 217 1.81 -36.54 11.85
N SER A 218 1.42 -36.85 13.07
CA SER A 218 0.02 -36.80 13.46
C SER A 218 -0.46 -35.36 13.60
N LEU A 219 -1.55 -35.06 12.90
CA LEU A 219 -2.05 -33.70 12.86
C LEU A 219 -3.50 -33.62 13.28
N ILE A 220 -3.84 -32.50 13.91
CA ILE A 220 -5.22 -32.21 14.24
C ILE A 220 -5.64 -31.06 13.35
N LEU A 221 -6.75 -31.21 12.65
CA LEU A 221 -7.18 -30.27 11.62
C LEU A 221 -8.49 -29.58 11.96
N TYR A 222 -8.55 -28.30 11.61
CA TYR A 222 -9.74 -27.48 11.82
C TYR A 222 -10.06 -26.67 10.58
N GLU A 223 -11.35 -26.42 10.35
CA GLU A 223 -11.78 -25.34 9.46
C GLU A 223 -11.91 -24.09 10.31
N GLU A 224 -11.13 -23.06 9.97
CA GLU A 224 -11.42 -21.73 10.43
C GLU A 224 -12.64 -21.29 9.66
N VAL A 225 -13.77 -21.21 10.34
CA VAL A 225 -15.06 -20.89 9.69
C VAL A 225 -15.30 -19.39 9.70
N LYS A 226 -15.30 -18.83 10.89
CA LYS A 226 -15.42 -17.40 11.07
C LYS A 226 -14.82 -17.11 12.43
N PRO A 227 -14.76 -15.82 12.80
CA PRO A 227 -14.27 -15.51 14.14
C PRO A 227 -15.07 -16.23 15.22
N ASN A 228 -14.35 -16.89 16.12
CA ASN A 228 -14.92 -17.64 17.22
C ASN A 228 -15.64 -18.92 16.80
N LEU A 229 -15.32 -19.41 15.61
CA LEU A 229 -15.84 -20.68 15.14
C LEU A 229 -14.76 -21.41 14.36
N THR A 230 -14.21 -22.41 15.01
CA THR A 230 -13.09 -23.16 14.47
C THR A 230 -13.41 -24.62 14.68
N GLU A 231 -14.03 -25.24 13.68
CA GLU A 231 -14.59 -26.58 13.82
C GLU A 231 -13.57 -27.62 13.48
N ARG A 232 -13.40 -28.58 14.37
CA ARG A 232 -12.52 -29.71 14.12
C ARG A 232 -13.05 -30.55 12.96
N ILE A 233 -12.13 -31.11 12.20
CA ILE A 233 -12.43 -32.00 11.09
C ILE A 233 -12.12 -33.38 11.63
N GLN A 234 -13.14 -34.24 11.74
CA GLN A 234 -12.95 -35.57 12.38
C GLN A 234 -12.65 -36.66 11.35
N ASP A 235 -13.46 -36.73 10.31
CA ASP A 235 -13.24 -37.76 9.32
C ASP A 235 -12.27 -37.23 8.26
N TYR A 236 -11.06 -37.77 8.29
CA TYR A 236 -10.04 -37.48 7.28
C TYR A 236 -10.20 -38.27 5.98
N ASP A 237 -11.10 -39.25 5.94
CA ASP A 237 -11.20 -40.16 4.80
C ASP A 237 -12.37 -39.86 3.91
N VAL A 238 -12.76 -38.59 3.85
CA VAL A 238 -13.85 -38.17 2.99
C VAL A 238 -13.40 -37.00 2.11
N SER A 239 -14.16 -36.74 1.05
CA SER A 239 -13.80 -35.69 0.11
C SER A 239 -13.97 -34.32 0.75
N LEU A 240 -13.42 -33.29 0.09
CA LEU A 240 -13.41 -31.94 0.64
C LEU A 240 -14.80 -31.35 0.63
N ASP A 241 -15.59 -31.72 -0.36
CA ASP A 241 -16.99 -31.32 -0.35
C ASP A 241 -17.67 -31.68 0.98
N LYS A 242 -17.43 -32.89 1.49
CA LYS A 242 -18.07 -33.37 2.72
C LYS A 242 -17.37 -32.93 4.02
N ALA A 243 -16.04 -32.77 3.97
CA ALA A 243 -15.23 -32.48 5.18
C ALA A 243 -15.42 -31.08 5.78
N LEU A 244 -15.48 -30.06 4.92
CA LEU A 244 -15.75 -28.69 5.35
C LEU A 244 -17.21 -28.44 5.17
N ASP A 245 -17.84 -27.68 6.06
CA ASP A 245 -19.23 -27.35 5.79
C ASP A 245 -19.20 -26.15 4.87
N GLU A 246 -20.13 -26.09 3.94
CA GLU A 246 -20.19 -25.03 2.96
C GLU A 246 -18.85 -24.76 2.21
N LEU A 247 -18.32 -25.79 1.58
CA LEU A 247 -17.04 -25.68 0.84
C LEU A 247 -17.05 -24.64 -0.26
N MET A 248 -16.10 -23.71 -0.18
CA MET A 248 -15.86 -22.71 -1.22
C MET A 248 -14.37 -22.46 -1.35
N ASP A 249 -13.99 -21.89 -2.48
CA ASP A 249 -12.63 -21.40 -2.67
C ASP A 249 -12.35 -20.36 -1.59
N GLY A 250 -11.12 -20.33 -1.12
CA GLY A 250 -10.72 -19.43 -0.06
C GLY A 250 -11.02 -19.94 1.32
N ASP A 251 -11.64 -21.10 1.42
CA ASP A 251 -11.77 -21.74 2.72
C ASP A 251 -10.39 -21.96 3.35
N ILE A 252 -10.37 -22.03 4.67
CA ILE A 252 -9.14 -22.08 5.41
C ILE A 252 -9.17 -23.30 6.29
N ILE A 253 -8.11 -24.10 6.20
CA ILE A 253 -7.89 -25.21 7.13
C ILE A 253 -6.69 -24.86 7.99
N VAL A 254 -6.86 -25.05 9.31
CA VAL A 254 -5.78 -24.84 10.25
C VAL A 254 -5.38 -26.19 10.77
N PHE A 255 -4.08 -26.41 10.90
CA PHE A 255 -3.61 -27.67 11.45
C PHE A 255 -2.52 -27.43 12.48
N GLN A 256 -2.21 -28.50 13.22
CA GLN A 256 -1.19 -28.47 14.26
C GLN A 256 -0.76 -29.88 14.55
N LYS A 257 0.49 -30.01 15.00
CA LYS A 257 1.01 -31.23 15.61
C LYS A 257 0.08 -31.69 16.69
N ASP A 258 0.23 -32.96 17.05
CA ASP A 258 -0.23 -33.41 18.35
C ASP A 258 0.91 -33.64 19.38
N ASP A 259 1.64 -32.58 19.76
CA ASP A 259 2.81 -32.73 20.64
C ASP A 259 2.31 -32.65 22.07
N PRO A 260 2.71 -33.62 22.91
CA PRO A 260 2.32 -33.61 24.33
C PRO A 260 2.84 -32.48 25.18
N GLU A 261 4.02 -31.95 24.81
CA GLU A 261 4.62 -30.81 25.51
C GLU A 261 3.69 -29.60 25.54
N ASN A 262 2.71 -29.59 24.63
CA ASN A 262 1.76 -28.51 24.45
C ASN A 262 0.41 -28.66 25.16
N ASP A 263 0.06 -29.86 25.58
CA ASP A 263 -1.09 -30.00 26.48
C ASP A 263 -0.89 -29.01 27.61
N ASN A 264 0.38 -28.78 27.93
CA ASN A 264 0.80 -27.95 29.05
C ASN A 264 0.44 -26.51 28.77
N SER A 265 0.64 -26.10 27.51
CA SER A 265 0.49 -24.71 27.05
C SER A 265 -0.81 -24.05 27.44
N GLU A 266 -0.78 -22.73 27.41
CA GLU A 266 -1.89 -21.88 27.80
C GLU A 266 -3.06 -21.97 26.81
N LEU A 267 -2.74 -22.13 25.52
CA LEU A 267 -3.75 -22.30 24.46
C LEU A 267 -3.36 -23.52 23.63
N PRO A 268 -3.77 -24.70 24.07
CA PRO A 268 -3.31 -25.94 23.45
C PRO A 268 -3.79 -26.17 22.02
N THR A 269 -4.93 -25.61 21.63
CA THR A 269 -5.45 -25.82 20.29
C THR A 269 -5.76 -24.54 19.55
N ALA A 270 -5.81 -24.68 18.22
CA ALA A 270 -6.23 -23.63 17.34
C ALA A 270 -7.63 -23.14 17.71
N LYS A 271 -8.50 -24.06 18.12
CA LYS A 271 -9.86 -23.69 18.53
C LYS A 271 -9.79 -22.70 19.69
N GLU A 272 -9.04 -23.06 20.72
CA GLU A 272 -8.88 -22.20 21.90
C GLU A 272 -8.15 -20.91 21.59
N TYR A 273 -7.22 -20.97 20.64
CA TYR A 273 -6.48 -19.77 20.22
C TYR A 273 -7.37 -18.73 19.62
N PHE A 274 -8.24 -19.17 18.72
CA PHE A 274 -9.16 -18.25 18.08
C PHE A 274 -10.20 -17.68 19.03
N ARG A 275 -10.54 -18.43 20.08
CA ARG A 275 -11.47 -17.92 21.09
C ARG A 275 -10.80 -16.84 21.87
N ASP A 276 -9.60 -17.11 22.35
CA ASP A 276 -8.86 -16.07 23.04
C ASP A 276 -8.82 -14.81 22.19
N LEU A 277 -8.52 -14.97 20.92
CA LEU A 277 -8.41 -13.85 19.98
C LEU A 277 -9.71 -13.07 19.82
N TYR A 278 -10.81 -13.77 19.70
CA TYR A 278 -12.07 -13.13 19.47
C TYR A 278 -12.36 -12.10 20.57
N HIS A 279 -12.15 -12.51 21.81
CA HIS A 279 -12.35 -11.67 23.00
C HIS A 279 -11.21 -10.72 23.32
N ARG A 280 -10.31 -10.52 22.38
CA ARG A 280 -9.09 -9.80 22.67
CA ARG A 280 -9.09 -9.80 22.67
C ARG A 280 -9.22 -8.35 22.22
C ARG A 280 -9.22 -8.35 22.22
N VAL A 281 -8.60 -7.44 22.97
CA VAL A 281 -8.62 -6.04 22.61
C VAL A 281 -7.44 -5.28 23.17
N ASP A 282 -6.89 -4.42 22.32
CA ASP A 282 -5.75 -3.61 22.68
C ASP A 282 -6.28 -2.25 23.10
N VAL A 283 -5.88 -1.82 24.30
CA VAL A 283 -6.35 -0.58 24.86
C VAL A 283 -5.15 0.30 25.23
N ILE A 284 -5.30 1.59 24.98
CA ILE A 284 -4.26 2.56 25.23
C ILE A 284 -4.58 3.29 26.52
N PHE A 285 -3.60 3.36 27.41
CA PHE A 285 -3.82 3.98 28.69
C PHE A 285 -2.98 5.23 28.83
N CYS A 286 -3.67 6.38 28.85
CA CYS A 286 -3.03 7.68 29.02
C CYS A 286 -3.29 8.22 30.45
N ASP A 287 -2.20 8.64 31.11
CA ASP A 287 -2.25 9.27 32.43
C ASP A 287 -2.76 10.72 32.34
N LYS A 288 -4.04 10.92 32.65
CA LYS A 288 -4.70 12.24 32.56
C LYS A 288 -3.88 13.43 33.10
N THR A 289 -3.04 13.17 34.09
CA THR A 289 -2.19 14.21 34.67
C THR A 289 -0.96 14.57 33.84
N ILE A 290 -0.56 13.68 32.93
CA ILE A 290 0.55 13.96 32.01
C ILE A 290 -0.05 14.35 30.67
N PRO A 291 -0.25 15.66 30.43
CA PRO A 291 -1.02 15.96 29.22
C PRO A 291 -0.26 15.57 27.96
N ASN A 292 -1.00 15.11 26.97
CA ASN A 292 -0.43 14.53 25.76
C ASN A 292 0.38 13.24 25.94
N ASP A 293 0.34 12.63 27.13
CA ASP A 293 0.99 11.33 27.31
C ASP A 293 0.53 10.47 26.14
N PRO A 294 1.48 9.99 25.30
CA PRO A 294 1.07 9.10 24.21
C PRO A 294 0.41 7.83 24.75
N GLY A 295 0.81 7.44 25.96
CA GLY A 295 0.20 6.31 26.64
C GLY A 295 0.88 5.04 26.20
N PHE A 296 0.39 3.93 26.72
CA PHE A 296 0.96 2.62 26.40
C PHE A 296 -0.19 1.66 26.14
N VAL A 297 0.10 0.64 25.34
CA VAL A 297 -0.93 -0.30 24.94
C VAL A 297 -0.87 -1.55 25.82
N VAL A 298 -2.06 -1.95 26.27
CA VAL A 298 -2.22 -3.17 27.02
C VAL A 298 -3.23 -4.04 26.33
N THR A 299 -2.90 -5.33 26.27
CA THR A 299 -3.75 -6.32 25.66
C THR A 299 -4.59 -6.90 26.78
N LEU A 300 -5.90 -6.81 26.60
CA LEU A 300 -6.86 -7.17 27.63
C LEU A 300 -7.89 -8.04 26.98
N SER A 301 -8.85 -8.51 27.78
CA SER A 301 -9.98 -9.25 27.25
C SER A 301 -11.27 -8.50 27.47
N ASN A 302 -12.16 -8.57 26.47
CA ASN A 302 -13.46 -7.93 26.52
C ASN A 302 -14.33 -8.45 27.63
N ARG A 303 -14.01 -9.63 28.12
CA ARG A 303 -14.84 -10.23 29.18
C ARG A 303 -14.14 -10.15 30.54
N MET A 304 -13.25 -9.18 30.70
CA MET A 304 -12.66 -8.88 32.01
C MET A 304 -13.59 -7.99 32.84
N ASN A 305 -13.40 -7.95 34.16
CA ASN A 305 -14.13 -7.03 35.07
C ASN A 305 -13.20 -5.92 35.63
N TYR A 306 -13.74 -5.04 36.47
CA TYR A 306 -12.93 -3.94 37.00
C TYR A 306 -11.64 -4.47 37.63
N PHE A 307 -11.76 -5.47 38.49
CA PHE A 307 -10.59 -5.98 39.20
C PHE A 307 -9.50 -6.41 38.22
N GLN A 308 -9.89 -7.26 37.28
CA GLN A 308 -9.00 -7.78 36.25
C GLN A 308 -8.34 -6.70 35.43
N VAL A 309 -9.13 -5.71 34.98
CA VAL A 309 -8.57 -4.60 34.25
C VAL A 309 -7.54 -3.86 35.10
N ALA A 310 -7.96 -3.47 36.30
CA ALA A 310 -7.13 -2.69 37.18
C ALA A 310 -5.83 -3.43 37.48
N LYS A 311 -5.95 -4.70 37.84
CA LYS A 311 -4.77 -5.48 38.27
C LYS A 311 -3.75 -5.62 37.16
N THR A 312 -4.23 -5.84 35.95
CA THR A 312 -3.34 -5.96 34.80
C THR A 312 -2.54 -4.68 34.58
N VAL A 313 -3.24 -3.56 34.55
CA VAL A 313 -2.61 -2.27 34.27
C VAL A 313 -1.62 -1.87 35.36
N ALA A 314 -1.92 -2.31 36.58
CA ALA A 314 -1.05 -2.07 37.72
C ALA A 314 0.25 -2.82 37.56
N GLN A 315 0.17 -4.13 37.28
CA GLN A 315 1.37 -4.96 37.04
C GLN A 315 2.30 -4.38 35.98
N ARG A 316 1.73 -3.62 35.04
CA ARG A 316 2.53 -2.90 34.08
C ARG A 316 3.24 -1.70 34.68
N LEU A 317 2.59 -1.02 35.63
CA LEU A 317 3.15 0.18 36.26
C LEU A 317 3.87 -0.06 37.60
N ASN A 318 3.98 -1.33 38.00
CA ASN A 318 4.61 -1.70 39.29
C ASN A 318 3.97 -0.99 40.48
N THR A 319 2.64 -0.93 40.48
CA THR A 319 1.92 -0.20 41.52
C THR A 319 0.70 -1.02 42.01
N ASP A 320 -0.03 -0.48 42.98
CA ASP A 320 -1.20 -1.13 43.55
C ASP A 320 -2.42 -0.70 42.73
N PRO A 321 -3.30 -1.66 42.40
CA PRO A 321 -4.57 -1.36 41.71
C PRO A 321 -5.40 -0.28 42.42
N MET A 322 -5.43 -0.35 43.74
CA MET A 322 -6.07 0.68 44.57
C MET A 322 -5.67 2.10 44.20
N LEU A 323 -4.40 2.29 43.85
CA LEU A 323 -3.87 3.60 43.55
C LEU A 323 -4.22 4.11 42.15
N LEU A 324 -4.97 3.32 41.39
CA LEU A 324 -5.37 3.71 40.04
C LEU A 324 -6.81 4.14 39.98
N GLN A 325 -7.05 5.38 39.55
CA GLN A 325 -8.39 5.75 39.10
C GLN A 325 -8.53 5.83 37.58
N PHE A 326 -9.48 5.04 37.07
CA PHE A 326 -9.87 5.08 35.67
C PHE A 326 -11.03 6.02 35.45
N PHE A 327 -11.05 6.63 34.27
CA PHE A 327 -12.14 7.50 33.87
C PHE A 327 -12.83 6.88 32.70
N LYS A 328 -14.15 7.08 32.63
CA LYS A 328 -14.94 6.58 31.51
C LYS A 328 -14.55 7.23 30.18
N SER A 329 -15.08 6.66 29.11
CA SER A 329 -14.95 7.21 27.76
C SER A 329 -16.10 8.17 27.46
N GLN A 330 -15.77 9.33 26.89
CA GLN A 330 -16.79 10.24 26.37
C GLN A 330 -17.26 9.81 24.98
N ARG A 333 -16.86 12.86 22.34
CA ARG A 333 -15.74 13.78 22.39
C ARG A 333 -14.41 13.07 22.60
N ASP A 334 -13.33 13.83 22.46
CA ASP A 334 -12.02 13.41 22.92
C ASP A 334 -11.74 14.04 24.29
N GLY A 335 -11.13 13.26 25.19
CA GLY A 335 -10.85 13.65 26.58
C GLY A 335 -11.40 12.65 27.60
N PRO A 336 -10.82 12.66 28.81
CA PRO A 336 -11.30 11.79 29.89
C PRO A 336 -12.70 12.16 30.33
N GLY A 337 -13.54 11.14 30.51
CA GLY A 337 -14.92 11.35 30.93
C GLY A 337 -15.04 11.28 32.43
N ASN A 338 -16.23 10.93 32.88
CA ASN A 338 -16.50 10.74 34.30
C ASN A 338 -15.62 9.67 34.93
N PRO A 339 -15.31 9.81 36.23
CA PRO A 339 -14.52 8.81 36.93
C PRO A 339 -15.24 7.48 37.11
N LEU A 340 -14.54 6.41 36.83
CA LEU A 340 -15.08 5.05 36.96
C LEU A 340 -14.96 4.58 38.40
N ARG A 341 -16.06 4.06 38.95
CA ARG A 341 -16.06 3.63 40.35
C ARG A 341 -15.64 2.16 40.50
N HIS A 342 -14.77 1.87 41.46
CA HIS A 342 -14.15 0.56 41.60
C HIS A 342 -15.09 -0.58 41.95
N ASN A 343 -16.37 -0.29 42.15
CA ASN A 343 -17.38 -1.31 42.36
C ASN A 343 -18.20 -1.53 41.10
N TYR A 344 -17.76 -0.93 39.99
CA TYR A 344 -18.34 -1.15 38.66
C TYR A 344 -18.55 -2.63 38.42
N GLU A 345 -19.76 -2.99 38.04
CA GLU A 345 -20.10 -4.41 37.87
C GLU A 345 -20.03 -4.92 36.43
N GLY A 346 -19.96 -4.01 35.46
CA GLY A 346 -19.86 -4.37 34.05
C GLY A 346 -18.56 -5.03 33.59
N THR A 347 -18.38 -5.06 32.28
CA THR A 347 -17.21 -5.66 31.65
C THR A 347 -16.45 -4.63 30.82
N LEU A 348 -15.21 -4.99 30.46
CA LEU A 348 -14.41 -4.11 29.62
C LEU A 348 -15.11 -3.83 28.30
N ARG A 349 -15.91 -4.79 27.81
CA ARG A 349 -16.74 -4.60 26.64
C ARG A 349 -17.64 -3.41 26.84
N ASP A 350 -18.33 -3.42 27.98
CA ASP A 350 -19.30 -2.37 28.26
C ASP A 350 -18.62 -1.01 28.21
N LEU A 351 -17.44 -0.91 28.80
CA LEU A 351 -16.69 0.34 28.82
C LEU A 351 -16.27 0.79 27.43
N LEU A 352 -16.01 -0.17 26.55
CA LEU A 352 -15.50 0.11 25.20
C LEU A 352 -16.60 0.14 24.12
N GLN A 353 -17.86 -0.05 24.51
CA GLN A 353 -18.96 -0.16 23.56
C GLN A 353 -19.26 1.10 22.73
N PHE A 354 -18.66 2.24 23.08
CA PHE A 354 -18.89 3.46 22.33
C PHE A 354 -17.68 3.80 21.45
N PHE A 355 -16.92 2.81 21.03
CA PHE A 355 -15.79 3.01 20.11
C PHE A 355 -16.13 2.45 18.74
N LYS A 356 -15.80 3.21 17.70
CA LYS A 356 -16.07 2.78 16.31
C LYS A 356 -15.00 1.81 15.84
N PRO A 357 -15.34 0.96 14.85
CA PRO A 357 -14.47 -0.14 14.36
C PRO A 357 -13.01 0.22 14.13
N ARG A 358 -12.78 1.38 13.50
N ARG A 358 -12.76 1.37 13.50
CA ARG A 358 -11.42 1.85 13.18
CA ARG A 358 -11.41 1.84 13.20
C ARG A 358 -10.83 2.74 14.27
C ARG A 358 -10.83 2.74 14.28
N GLN A 359 -11.64 3.08 15.28
CA GLN A 359 -11.21 3.98 16.37
C GLN A 359 -10.28 3.26 17.36
N PRO A 360 -9.10 3.87 17.64
CA PRO A 360 -8.16 3.20 18.56
C PRO A 360 -8.63 3.34 20.00
N LYS A 361 -8.74 2.20 20.70
CA LYS A 361 -9.41 2.14 22.00
C LYS A 361 -8.52 2.63 23.15
N LYS A 362 -8.93 3.74 23.76
CA LYS A 362 -8.12 4.42 24.75
C LYS A 362 -8.96 4.71 26.00
N LEU A 363 -8.33 4.57 27.16
CA LEU A 363 -8.93 4.92 28.45
C LEU A 363 -7.93 5.75 29.28
N TYR A 364 -8.44 6.79 29.94
CA TYR A 364 -7.59 7.61 30.80
C TYR A 364 -7.61 7.11 32.25
N TYR A 365 -6.46 7.22 32.89
CA TYR A 365 -6.33 6.85 34.29
C TYR A 365 -5.50 7.90 35.00
N GLN A 366 -5.44 7.84 36.33
CA GLN A 366 -4.44 8.59 37.11
C GLN A 366 -4.12 7.93 38.42
N GLN A 367 -2.96 8.27 38.96
CA GLN A 367 -2.49 7.65 40.21
C GLN A 367 -2.76 8.47 41.48
N LEU A 368 -3.27 7.78 42.50
CA LEU A 368 -3.61 8.35 43.80
C LEU A 368 -2.45 8.11 44.78
N LYS A 369 -2.39 8.88 45.86
CA LYS A 369 -1.29 8.79 46.84
C LYS A 369 -1.42 7.61 47.80
N MET A 370 -0.27 7.02 48.16
CA MET A 370 -0.19 5.94 49.16
C MET A 370 -0.36 6.46 50.60
N LYS A 371 0.27 7.61 50.91
CA LYS A 371 0.15 8.22 52.25
C LYS A 371 0.01 9.74 52.16
N ILE A 372 -0.30 10.36 53.30
CA ILE A 372 -0.39 11.83 53.40
C ILE A 372 0.23 12.29 54.72
N ARG B 30 -33.73 -15.69 6.22
CA ARG B 30 -32.93 -15.29 5.01
C ARG B 30 -33.36 -13.96 4.39
N LEU B 31 -34.68 -13.72 4.37
CA LEU B 31 -35.20 -12.48 3.80
C LEU B 31 -35.02 -11.26 4.71
N GLN B 32 -34.72 -11.48 6.00
CA GLN B 32 -34.42 -10.40 6.94
C GLN B 32 -32.99 -9.88 6.77
N GLU B 33 -32.07 -10.79 6.47
CA GLU B 33 -30.64 -10.45 6.26
C GLU B 33 -30.43 -9.64 5.00
N GLU B 34 -31.24 -9.89 3.97
CA GLU B 34 -31.20 -9.11 2.71
C GLU B 34 -31.73 -7.68 2.89
N LYS B 35 -32.54 -7.48 3.93
CA LYS B 35 -33.02 -6.16 4.32
C LYS B 35 -32.04 -5.45 5.25
N ARG B 36 -31.41 -6.19 6.17
CA ARG B 36 -30.36 -5.63 7.04
C ARG B 36 -29.15 -5.12 6.25
N ILE B 37 -28.81 -5.80 5.16
CA ILE B 37 -27.65 -5.40 4.33
C ILE B 37 -27.92 -4.14 3.55
N GLU B 38 -29.12 -4.02 2.97
CA GLU B 38 -29.52 -2.78 2.31
C GLU B 38 -29.70 -1.63 3.32
N ALA B 39 -29.97 -1.97 4.59
CA ALA B 39 -30.08 -0.97 5.67
C ALA B 39 -28.72 -0.39 6.06
N GLN B 40 -27.73 -1.27 6.23
CA GLN B 40 -26.37 -0.87 6.59
C GLN B 40 -25.62 -0.21 5.44
N LYS B 41 -25.85 -0.69 4.22
CA LYS B 41 -25.16 -0.14 3.04
C LYS B 41 -25.71 1.22 2.57
N ARG B 42 -26.90 1.58 3.03
CA ARG B 42 -27.46 2.91 2.76
C ARG B 42 -27.04 3.91 3.84
N LYS B 43 -26.87 3.44 5.08
CA LYS B 43 -26.31 4.25 6.15
C LYS B 43 -24.87 4.64 5.83
N GLU B 44 -24.16 3.76 5.12
CA GLU B 44 -22.78 4.03 4.72
C GLU B 44 -22.71 4.97 3.51
N ARG B 45 -23.66 4.86 2.59
CA ARG B 45 -23.72 5.80 1.46
C ARG B 45 -23.95 7.24 1.93
N GLN B 46 -24.85 7.40 2.89
CA GLN B 46 -25.13 8.71 3.49
C GLN B 46 -23.92 9.22 4.25
N GLU B 47 -23.19 8.30 4.87
CA GLU B 47 -21.98 8.61 5.62
C GLU B 47 -20.69 8.78 4.77
N ALA B 48 -20.64 8.17 3.58
CA ALA B 48 -19.40 8.07 2.77
C ALA B 48 -18.76 9.38 2.32
N HIS B 49 -19.56 10.44 2.29
CA HIS B 49 -19.04 11.78 2.00
C HIS B 49 -18.27 12.33 3.19
N LEU B 50 -18.53 11.81 4.40
CA LEU B 50 -17.83 12.27 5.60
C LEU B 50 -16.41 11.69 5.72
N TYR B 51 -16.07 10.76 4.82
CA TYR B 51 -14.79 10.06 4.88
C TYR B 51 -13.84 10.40 3.75
N MET B 52 -12.55 10.21 4.00
CA MET B 52 -11.53 10.42 2.99
C MET B 52 -10.42 9.34 3.07
N GLN B 53 -9.78 9.08 1.93
CA GLN B 53 -8.62 8.18 1.88
C GLN B 53 -7.36 8.92 2.27
N VAL B 54 -6.57 8.29 3.14
CA VAL B 54 -5.19 8.72 3.30
C VAL B 54 -4.29 7.55 2.88
N GLN B 55 -3.35 7.84 1.98
CA GLN B 55 -2.46 6.85 1.41
C GLN B 55 -1.09 7.11 1.97
N ILE B 56 -0.59 6.15 2.74
CA ILE B 56 0.74 6.29 3.31
C ILE B 56 1.75 5.55 2.46
N VAL B 57 2.78 6.27 2.02
CA VAL B 57 3.88 5.72 1.23
C VAL B 57 5.15 5.81 2.03
N ALA B 58 5.98 4.78 1.90
CA ALA B 58 7.15 4.59 2.78
C ALA B 58 8.42 4.62 1.95
N GLU B 59 9.49 5.13 2.55
CA GLU B 59 10.74 5.38 1.80
C GLU B 59 11.25 4.17 1.03
N ASP B 60 10.98 2.98 1.53
CA ASP B 60 11.47 1.80 0.83
C ASP B 60 10.97 1.80 -0.62
N GLN B 61 9.82 2.46 -0.85
CA GLN B 61 9.24 2.53 -2.17
C GLN B 61 10.01 3.44 -3.12
N PHE B 62 10.99 4.16 -2.62
CA PHE B 62 11.73 5.09 -3.50
C PHE B 62 12.92 4.37 -4.13
N CYS B 63 13.42 3.32 -3.47
CA CYS B 63 14.60 2.61 -3.95
C CYS B 63 14.30 2.04 -5.32
N GLY B 64 15.25 2.15 -6.23
CA GLY B 64 15.08 1.57 -7.57
C GLY B 64 14.27 2.39 -8.55
N HIS B 65 13.59 3.45 -8.10
CA HIS B 65 12.77 4.29 -8.99
C HIS B 65 13.70 5.00 -9.95
N GLN B 66 13.44 4.84 -11.23
CA GLN B 66 14.33 5.36 -12.27
C GLN B 66 13.86 6.69 -12.85
N GLY B 67 12.76 7.20 -12.34
CA GLY B 67 12.08 8.34 -12.96
C GLY B 67 12.27 9.65 -12.23
N ASN B 68 11.42 10.60 -12.60
CA ASN B 68 11.39 11.90 -11.96
C ASN B 68 10.62 11.80 -10.66
N ASP B 69 10.92 12.70 -9.73
CA ASP B 69 10.40 12.62 -8.38
C ASP B 69 10.80 11.30 -7.72
N MET B 70 10.04 10.88 -6.73
CA MET B 70 10.55 9.90 -5.76
C MET B 70 10.06 8.49 -5.98
N TYR B 71 8.90 8.38 -6.60
CA TYR B 71 8.30 7.09 -6.90
C TYR B 71 7.28 7.24 -8.00
N ASP B 72 6.93 6.10 -8.58
CA ASP B 72 5.91 6.04 -9.61
C ASP B 72 4.56 5.95 -8.92
N GLU B 73 3.63 6.84 -9.25
CA GLU B 73 2.31 6.80 -8.60
C GLU B 73 1.59 5.46 -8.77
N GLU B 74 1.89 4.76 -9.86
CA GLU B 74 1.17 3.57 -10.27
C GLU B 74 1.77 2.31 -9.69
N LYS B 75 3.11 2.28 -9.58
CA LYS B 75 3.83 1.07 -9.17
C LYS B 75 4.02 0.99 -7.67
N VAL B 76 3.88 2.09 -6.98
CA VAL B 76 4.13 2.13 -5.55
C VAL B 76 3.06 1.36 -4.78
N LYS B 77 3.37 0.98 -3.55
CA LYS B 77 2.44 0.28 -2.66
C LYS B 77 2.10 1.07 -1.40
N TYR B 78 0.82 1.36 -1.19
CA TYR B 78 0.40 2.18 -0.06
C TYR B 78 -0.21 1.38 1.07
N THR B 79 -0.12 1.94 2.27
CA THR B 79 -0.97 1.58 3.38
C THR B 79 -2.15 2.57 3.41
N VAL B 80 -3.38 2.06 3.53
CA VAL B 80 -4.56 2.87 3.29
C VAL B 80 -5.44 3.09 4.52
N PHE B 81 -5.82 4.33 4.75
CA PHE B 81 -6.60 4.70 5.91
C PHE B 81 -7.90 5.38 5.51
N LYS B 82 -9.00 4.95 6.13
CA LYS B 82 -10.29 5.58 5.95
C LYS B 82 -10.55 6.42 7.18
N VAL B 83 -10.59 7.72 6.96
CA VAL B 83 -10.53 8.71 8.03
C VAL B 83 -11.63 9.78 7.88
N LEU B 84 -12.30 10.09 8.99
CA LEU B 84 -13.27 11.17 9.00
C LEU B 84 -12.64 12.50 8.54
N LYS B 85 -13.25 13.15 7.55
CA LYS B 85 -12.76 14.42 7.01
C LYS B 85 -12.53 15.46 8.07
N ASN B 86 -13.40 15.48 9.08
CA ASN B 86 -13.29 16.44 10.15
C ASN B 86 -12.54 15.91 11.38
N SER B 87 -11.89 14.75 11.27
CA SER B 87 -11.05 14.24 12.36
C SER B 87 -9.80 15.11 12.51
N SER B 88 -9.09 14.95 13.63
CA SER B 88 -7.87 15.74 13.86
C SER B 88 -6.62 14.97 13.41
N LEU B 89 -5.52 15.70 13.35
CA LEU B 89 -4.23 15.11 13.00
C LEU B 89 -3.75 14.18 14.10
N ALA B 90 -3.72 14.69 15.33
CA ALA B 90 -3.27 13.91 16.48
C ALA B 90 -3.94 12.55 16.54
N GLU B 91 -5.23 12.52 16.21
CA GLU B 91 -5.97 11.27 16.15
C GLU B 91 -5.34 10.35 15.14
N PHE B 92 -5.18 10.86 13.92
CA PHE B 92 -4.56 10.12 12.84
C PHE B 92 -3.18 9.62 13.21
N VAL B 93 -2.34 10.52 13.71
CA VAL B 93 -1.01 10.15 14.12
C VAL B 93 -1.04 8.99 15.10
N GLN B 94 -1.98 9.03 16.03
CA GLN B 94 -2.09 7.96 17.02
C GLN B 94 -2.48 6.64 16.37
N SER B 95 -3.57 6.66 15.62
CA SER B 95 -3.99 5.47 14.90
C SER B 95 -2.87 5.01 13.99
N LEU B 96 -2.18 5.96 13.39
CA LEU B 96 -1.08 5.62 12.51
C LEU B 96 0.00 4.87 13.29
N SER B 97 0.51 5.47 14.37
CA SER B 97 1.65 4.88 15.07
C SER B 97 1.28 3.52 15.65
N GLN B 98 0.02 3.36 16.03
CA GLN B 98 -0.46 2.09 16.56
C GLN B 98 -0.53 1.03 15.46
N THR B 99 -1.15 1.38 14.33
CA THR B 99 -1.24 0.46 13.19
C THR B 99 0.13 0.07 12.65
N MET B 100 0.93 1.08 12.27
CA MET B 100 2.24 0.89 11.65
C MET B 100 3.31 0.38 12.61
N GLY B 101 3.08 0.51 13.91
CA GLY B 101 4.00 -0.03 14.91
C GLY B 101 5.21 0.84 15.16
N PHE B 102 5.00 2.14 15.30
CA PHE B 102 6.10 3.03 15.62
C PHE B 102 5.68 3.92 16.77
N PRO B 103 6.67 4.49 17.47
CA PRO B 103 6.26 5.46 18.49
C PRO B 103 5.83 6.73 17.79
N GLN B 104 4.94 7.48 18.42
CA GLN B 104 4.46 8.72 17.86
C GLN B 104 5.57 9.73 17.59
N ASP B 105 6.59 9.75 18.43
CA ASP B 105 7.66 10.73 18.29
C ASP B 105 8.82 10.24 17.43
N GLN B 106 8.69 9.04 16.86
CA GLN B 106 9.71 8.50 15.97
C GLN B 106 9.26 8.44 14.50
N ILE B 107 8.24 9.23 14.18
CA ILE B 107 7.76 9.34 12.81
C ILE B 107 7.56 10.79 12.39
N ARG B 108 7.69 11.05 11.10
CA ARG B 108 7.40 12.38 10.59
C ARG B 108 6.60 12.27 9.33
N LEU B 109 5.63 13.18 9.20
CA LEU B 109 4.72 13.17 8.08
C LEU B 109 5.10 14.25 7.07
N TRP B 110 5.15 13.86 5.79
CA TRP B 110 5.52 14.74 4.72
C TRP B 110 4.48 14.62 3.63
N PRO B 111 3.38 15.36 3.74
CA PRO B 111 2.31 15.26 2.74
C PRO B 111 2.81 15.46 1.32
N MET B 112 2.31 14.62 0.41
CA MET B 112 2.70 14.64 -1.00
C MET B 112 1.86 15.68 -1.71
N GLN B 113 2.53 16.57 -2.43
CA GLN B 113 1.92 17.78 -2.96
C GLN B 113 2.14 17.91 -4.48
N ALA B 114 1.05 17.88 -5.23
CA ALA B 114 1.12 17.99 -6.69
C ALA B 114 1.34 19.44 -7.06
N ARG B 115 2.40 19.72 -7.79
CA ARG B 115 2.71 21.10 -8.09
C ARG B 115 2.42 21.45 -9.54
N SER B 116 2.18 22.73 -9.78
CA SER B 116 1.82 23.26 -11.09
C SER B 116 2.91 22.99 -12.13
N ASN B 117 4.17 22.93 -11.71
CA ASN B 117 5.31 22.64 -12.63
C ASN B 117 5.46 21.17 -13.06
N GLY B 118 4.50 20.34 -12.69
CA GLY B 118 4.51 18.94 -13.06
C GLY B 118 5.41 18.07 -12.21
N THR B 119 5.48 18.38 -10.92
CA THR B 119 6.15 17.49 -9.97
C THR B 119 5.18 17.15 -8.85
N LYS B 120 5.42 16.02 -8.19
CA LYS B 120 4.77 15.77 -6.93
C LYS B 120 5.89 15.57 -5.90
N ARG B 121 5.79 16.27 -4.77
CA ARG B 121 6.87 16.25 -3.79
C ARG B 121 6.35 16.18 -2.36
N PRO B 122 7.14 15.57 -1.47
CA PRO B 122 6.88 15.67 -0.05
C PRO B 122 6.93 17.11 0.34
N ALA B 123 5.94 17.54 1.10
CA ALA B 123 5.87 18.92 1.54
C ALA B 123 5.88 18.94 3.03
N MET B 124 5.93 20.12 3.62
CA MET B 124 6.04 20.25 5.06
C MET B 124 4.70 20.15 5.76
N LEU B 125 4.74 19.74 7.01
CA LEU B 125 3.57 19.79 7.86
C LEU B 125 3.90 20.06 9.36
N LYS B 133 -6.74 21.33 13.72
CA LYS B 133 -7.29 21.49 12.37
C LYS B 133 -7.75 20.15 11.81
N THR B 134 -8.71 20.17 10.90
CA THR B 134 -9.24 18.94 10.32
C THR B 134 -8.35 18.34 9.24
N MET B 135 -8.43 17.02 9.10
CA MET B 135 -7.68 16.29 8.06
C MET B 135 -7.94 16.85 6.66
N ILE B 136 -9.21 17.06 6.33
CA ILE B 136 -9.58 17.52 5.01
C ILE B 136 -9.05 18.93 4.70
N GLU B 137 -8.96 19.79 5.71
CA GLU B 137 -8.42 21.12 5.46
C GLU B 137 -6.88 21.04 5.31
N LEU B 138 -6.24 20.14 6.06
CA LEU B 138 -4.80 19.90 5.88
C LEU B 138 -4.46 19.32 4.51
N SER B 139 -5.34 18.48 3.98
CA SER B 139 -5.17 17.94 2.62
C SER B 139 -5.48 18.94 1.52
N ASP B 140 -5.90 20.15 1.92
CA ASP B 140 -6.35 21.18 1.01
C ASP B 140 -7.45 20.62 0.11
N ASN B 141 -8.45 20.01 0.75
CA ASN B 141 -9.56 19.32 0.07
C ASN B 141 -9.21 18.13 -0.82
N GLU B 142 -7.94 17.74 -0.86
CA GLU B 142 -7.52 16.66 -1.74
C GLU B 142 -7.85 15.28 -1.12
N ASN B 143 -8.21 14.32 -1.98
CA ASN B 143 -8.75 13.03 -1.55
C ASN B 143 -8.81 12.05 -2.73
N PRO B 144 -7.94 11.03 -2.77
CA PRO B 144 -7.06 10.56 -1.73
C PRO B 144 -5.91 11.51 -1.45
N TRP B 145 -5.56 11.59 -0.17
CA TRP B 145 -4.40 12.34 0.28
C TRP B 145 -3.26 11.36 0.45
N THR B 146 -2.12 11.63 -0.17
CA THR B 146 -0.95 10.77 -0.04
C THR B 146 0.12 11.45 0.80
N ILE B 147 0.76 10.67 1.66
CA ILE B 147 1.66 11.18 2.65
C ILE B 147 2.90 10.32 2.68
N PHE B 148 4.06 10.97 2.58
CA PHE B 148 5.32 10.27 2.80
C PHE B 148 5.55 10.19 4.27
N LEU B 149 5.62 8.96 4.78
CA LEU B 149 5.87 8.72 6.17
C LEU B 149 7.33 8.39 6.43
N GLU B 150 8.10 9.37 6.86
CA GLU B 150 9.46 9.12 7.32
C GLU B 150 9.39 8.39 8.63
N THR B 151 10.16 7.29 8.73
CA THR B 151 10.40 6.58 9.97
C THR B 151 11.86 6.18 9.97
N VAL B 152 12.35 5.71 11.10
CA VAL B 152 13.76 5.37 11.23
C VAL B 152 13.93 3.96 10.74
N ASP B 153 15.09 3.67 10.16
CA ASP B 153 15.42 2.29 9.81
C ASP B 153 15.40 1.44 11.09
N PRO B 154 14.49 0.44 11.16
CA PRO B 154 14.37 -0.37 12.37
C PRO B 154 15.67 -1.03 12.84
N GLU B 155 16.52 -1.45 11.90
CA GLU B 155 17.86 -1.97 12.24
C GLU B 155 18.68 -0.89 12.97
N LEU B 156 18.74 0.31 12.40
CA LEU B 156 19.55 1.39 12.99
C LEU B 156 18.97 1.95 14.28
N ALA B 157 17.64 1.86 14.41
CA ALA B 157 16.94 2.29 15.63
C ALA B 157 17.16 1.34 16.78
N ALA B 158 17.33 0.05 16.47
CA ALA B 158 17.74 -0.93 17.46
C ALA B 158 19.06 -0.56 18.13
N SER B 159 19.92 0.19 17.43
CA SER B 159 21.18 0.66 17.98
C SER B 159 21.22 2.17 18.29
N GLY B 160 20.05 2.74 18.57
CA GLY B 160 19.97 4.10 19.08
C GLY B 160 19.80 5.21 18.06
N ALA B 161 19.48 4.87 16.80
CA ALA B 161 19.14 5.91 15.83
C ALA B 161 17.75 6.39 16.14
N THR B 162 17.55 7.67 15.89
CA THR B 162 16.30 8.31 16.24
C THR B 162 15.92 9.27 15.15
N LEU B 163 14.67 9.70 15.20
CA LEU B 163 14.17 10.63 14.23
C LEU B 163 14.87 11.94 14.52
N PRO B 164 15.64 12.43 13.55
CA PRO B 164 16.41 13.65 13.74
C PRO B 164 15.52 14.86 13.80
N LYS B 165 15.95 15.88 14.56
CA LYS B 165 15.17 17.09 14.76
C LYS B 165 15.17 17.92 13.51
N PHE B 166 14.10 18.67 13.29
CA PHE B 166 13.94 19.41 12.08
C PHE B 166 13.45 20.78 12.47
N ASP B 167 14.29 21.78 12.29
CA ASP B 167 13.90 23.17 12.53
C ASP B 167 13.18 23.61 11.29
N LYS B 168 11.86 23.63 11.33
CA LYS B 168 11.08 23.88 10.12
C LYS B 168 11.48 25.18 9.41
N ASP B 169 12.25 26.03 10.09
CA ASP B 169 12.65 27.34 9.55
C ASP B 169 14.12 27.40 9.11
N HIS B 170 15.02 26.72 9.82
CA HIS B 170 16.46 26.80 9.52
C HIS B 170 17.05 25.59 8.86
N ASP B 171 16.35 24.48 8.91
CA ASP B 171 16.77 23.21 8.28
C ASP B 171 15.98 22.97 7.01
N VAL B 172 16.47 22.06 6.18
CA VAL B 172 15.75 21.63 4.99
C VAL B 172 15.96 20.16 4.74
N MET B 173 14.92 19.47 4.29
CA MET B 173 15.08 18.06 3.93
C MET B 173 15.33 17.90 2.42
N LEU B 174 16.39 17.17 2.08
CA LEU B 174 16.76 16.98 0.69
C LEU B 174 16.81 15.51 0.32
N PHE B 175 16.55 15.25 -0.96
CA PHE B 175 16.64 13.90 -1.52
C PHE B 175 17.83 13.78 -2.46
N LEU B 176 18.51 12.64 -2.39
CA LEU B 176 19.74 12.44 -3.13
C LEU B 176 19.57 11.32 -4.13
N LYS B 177 20.04 11.56 -5.35
CA LYS B 177 20.09 10.52 -6.35
C LYS B 177 21.47 10.51 -6.96
N MET B 178 21.97 9.31 -7.21
CA MET B 178 23.22 9.13 -7.91
C MET B 178 22.95 8.54 -9.27
N TYR B 179 23.43 9.23 -10.30
CA TYR B 179 23.34 8.76 -11.69
C TYR B 179 24.64 8.10 -12.12
N ASP B 180 24.51 6.91 -12.70
CA ASP B 180 25.66 6.15 -13.21
C ASP B 180 25.60 6.07 -14.72
N PRO B 181 26.53 6.76 -15.42
CA PRO B 181 26.49 6.81 -16.89
C PRO B 181 26.85 5.48 -17.59
N LYS B 182 27.64 4.63 -16.95
CA LYS B 182 27.94 3.32 -17.53
C LYS B 182 26.64 2.53 -17.72
N THR B 183 25.90 2.31 -16.64
CA THR B 183 24.66 1.56 -16.72
C THR B 183 23.47 2.43 -17.08
N ARG B 184 23.69 3.74 -17.10
CA ARG B 184 22.62 4.69 -17.44
C ARG B 184 21.41 4.48 -16.52
N SER B 185 21.69 4.52 -15.21
CA SER B 185 20.67 4.27 -14.18
C SER B 185 20.73 5.25 -13.02
N LEU B 186 19.58 5.40 -12.35
CA LEU B 186 19.48 6.25 -11.16
C LEU B 186 19.45 5.44 -9.91
N ASN B 187 20.18 5.88 -8.92
CA ASN B 187 20.25 5.14 -7.72
C ASN B 187 19.89 6.00 -6.56
N TYR B 188 18.70 5.76 -6.01
CA TYR B 188 18.23 6.49 -4.85
C TYR B 188 19.25 6.41 -3.74
N CYS B 189 19.60 7.54 -3.16
CA CYS B 189 20.58 7.59 -2.07
C CYS B 189 19.98 8.21 -0.79
N GLY B 190 18.66 8.09 -0.66
CA GLY B 190 17.98 8.46 0.57
C GLY B 190 17.81 9.96 0.67
N HIS B 191 17.67 10.42 1.91
CA HIS B 191 17.46 11.84 2.15
C HIS B 191 18.40 12.33 3.23
N ILE B 192 18.42 13.64 3.40
CA ILE B 192 19.23 14.23 4.44
C ILE B 192 18.52 15.44 5.01
N TYR B 193 18.92 15.75 6.23
CA TYR B 193 18.52 16.93 6.94
C TYR B 193 19.76 17.75 7.01
N THR B 194 19.66 19.01 6.63
CA THR B 194 20.79 19.91 6.78
C THR B 194 20.33 21.31 7.09
N PRO B 195 21.17 22.09 7.78
CA PRO B 195 20.91 23.52 7.90
C PRO B 195 20.93 24.13 6.52
N ILE B 196 19.98 25.03 6.26
CA ILE B 196 19.88 25.73 4.99
C ILE B 196 21.16 26.50 4.70
N SER B 197 21.81 26.95 5.76
CA SER B 197 23.01 27.76 5.65
C SER B 197 24.26 26.96 5.31
N CYS B 198 24.12 25.66 5.18
CA CYS B 198 25.27 24.81 4.93
C CYS B 198 25.70 24.97 3.49
N LYS B 199 27.01 24.88 3.27
CA LYS B 199 27.57 24.98 1.92
C LYS B 199 27.31 23.68 1.18
N ILE B 200 27.12 23.76 -0.13
CA ILE B 200 27.05 22.54 -0.94
C ILE B 200 28.29 21.68 -0.73
N ARG B 201 29.46 22.29 -0.75
CA ARG B 201 30.72 21.56 -0.58
C ARG B 201 30.68 20.67 0.66
N ASP B 202 29.95 21.10 1.68
CA ASP B 202 29.88 20.36 2.94
C ASP B 202 29.03 19.09 2.89
N LEU B 203 28.25 18.92 1.83
CA LEU B 203 27.44 17.73 1.65
C LEU B 203 28.14 16.65 0.84
N LEU B 204 29.22 17.02 0.15
CA LEU B 204 29.90 16.09 -0.73
C LEU B 204 30.32 14.80 -0.03
N PRO B 205 30.85 14.91 1.19
CA PRO B 205 31.29 13.69 1.85
C PRO B 205 30.19 12.63 1.93
N VAL B 206 28.97 13.06 2.19
CA VAL B 206 27.84 12.15 2.38
C VAL B 206 27.37 11.53 1.06
N MET B 207 27.34 12.32 0.01
CA MET B 207 26.96 11.84 -1.30
C MET B 207 27.97 10.82 -1.74
N CYS B 208 29.24 11.18 -1.65
CA CYS B 208 30.30 10.25 -1.96
C CYS B 208 30.10 8.95 -1.20
N ASP B 209 29.81 9.04 0.07
CA ASP B 209 29.72 7.83 0.88
C ASP B 209 28.51 7.00 0.51
N ARG B 210 27.35 7.62 0.38
CA ARG B 210 26.14 6.87 0.06
C ARG B 210 26.22 6.20 -1.30
N ALA B 211 26.92 6.84 -2.23
CA ALA B 211 27.14 6.26 -3.55
C ALA B 211 28.20 5.17 -3.57
N GLY B 212 28.85 4.94 -2.44
CA GLY B 212 29.93 3.98 -2.37
C GLY B 212 31.21 4.53 -2.96
N PHE B 213 31.36 5.85 -2.96
CA PHE B 213 32.58 6.47 -3.47
C PHE B 213 33.52 6.92 -2.36
N ILE B 214 34.79 6.94 -2.70
CA ILE B 214 35.83 7.47 -1.84
C ILE B 214 35.57 8.93 -1.55
N GLN B 215 35.91 9.35 -0.34
CA GLN B 215 35.90 10.78 0.00
C GLN B 215 36.73 11.56 -1.03
N ASP B 216 36.33 12.79 -1.29
CA ASP B 216 37.06 13.64 -2.24
C ASP B 216 37.07 13.05 -3.66
N THR B 217 36.10 12.18 -3.95
CA THR B 217 35.81 11.85 -5.34
C THR B 217 35.15 13.08 -5.97
N SER B 218 35.59 13.39 -7.17
CA SER B 218 35.12 14.57 -7.88
C SER B 218 33.69 14.33 -8.41
N LEU B 219 32.77 15.23 -8.09
CA LEU B 219 31.36 15.05 -8.45
C LEU B 219 30.77 16.21 -9.24
N ILE B 220 29.83 15.89 -10.12
CA ILE B 220 29.07 16.89 -10.85
C ILE B 220 27.67 16.82 -10.31
N LEU B 221 27.14 17.97 -9.90
CA LEU B 221 25.86 18.04 -9.21
C LEU B 221 24.78 18.79 -9.98
N TYR B 222 23.55 18.27 -9.90
CA TYR B 222 22.41 18.87 -10.57
C TYR B 222 21.24 18.95 -9.61
N GLU B 223 20.41 20.00 -9.76
CA GLU B 223 19.06 19.98 -9.22
C GLU B 223 18.15 19.36 -10.26
N GLU B 224 17.52 18.23 -9.92
CA GLU B 224 16.36 17.76 -10.65
C GLU B 224 15.24 18.73 -10.30
N VAL B 225 14.87 19.56 -11.26
CA VAL B 225 13.87 20.61 -11.03
C VAL B 225 12.47 20.08 -11.35
N LYS B 226 12.30 19.63 -12.57
CA LYS B 226 11.07 19.03 -13.00
C LYS B 226 11.44 18.16 -14.18
N PRO B 227 10.48 17.39 -14.70
CA PRO B 227 10.78 16.65 -15.91
C PRO B 227 11.38 17.54 -17.02
N ASN B 228 12.50 17.09 -17.56
CA ASN B 228 13.20 17.75 -18.65
C ASN B 228 13.87 19.04 -18.25
N LEU B 229 14.07 19.20 -16.94
CA LEU B 229 14.81 20.32 -16.42
C LEU B 229 15.70 19.85 -15.31
N THR B 230 16.98 19.77 -15.60
CA THR B 230 17.96 19.27 -14.69
C THR B 230 19.15 20.23 -14.73
N GLU B 231 19.12 21.22 -13.83
CA GLU B 231 20.08 22.32 -13.88
C GLU B 231 21.34 22.01 -13.10
N ARG B 232 22.48 22.19 -13.73
CA ARG B 232 23.75 22.02 -13.07
C ARG B 232 23.94 23.06 -11.96
N ILE B 233 24.63 22.65 -10.91
CA ILE B 233 24.99 23.50 -9.78
C ILE B 233 26.47 23.80 -9.97
N GLN B 234 26.80 25.07 -10.19
CA GLN B 234 28.19 25.46 -10.49
C GLN B 234 28.98 25.90 -9.27
N ASP B 235 28.42 26.80 -8.46
CA ASP B 235 29.13 27.23 -7.28
C ASP B 235 28.81 26.30 -6.11
N TYR B 236 29.81 25.50 -5.72
CA TYR B 236 29.70 24.59 -4.57
C TYR B 236 29.97 25.29 -3.25
N ASP B 237 30.43 26.55 -3.29
CA ASP B 237 30.86 27.21 -2.07
C ASP B 237 29.84 28.24 -1.59
N VAL B 238 28.57 27.98 -1.84
CA VAL B 238 27.50 28.86 -1.36
C VAL B 238 26.45 28.05 -0.62
N SER B 239 25.61 28.74 0.14
CA SER B 239 24.58 28.08 0.94
C SER B 239 23.50 27.48 0.05
N LEU B 240 22.67 26.61 0.64
CA LEU B 240 21.66 25.85 -0.12
C LEU B 240 20.57 26.79 -0.60
N ASP B 241 20.31 27.80 0.22
CA ASP B 241 19.48 28.93 -0.12
C ASP B 241 19.76 29.40 -1.54
N LYS B 242 21.03 29.68 -1.79
CA LYS B 242 21.48 30.28 -3.04
C LYS B 242 21.73 29.25 -4.17
N ALA B 243 22.15 28.04 -3.81
CA ALA B 243 22.57 27.02 -4.79
C ALA B 243 21.44 26.44 -5.64
N LEU B 244 20.30 26.14 -5.03
CA LEU B 244 19.13 25.64 -5.74
C LEU B 244 18.22 26.81 -6.00
N ASP B 245 17.53 26.83 -7.14
CA ASP B 245 16.57 27.90 -7.30
C ASP B 245 15.31 27.44 -6.64
N GLU B 246 14.62 28.36 -6.01
CA GLU B 246 13.42 28.04 -5.24
C GLU B 246 13.57 26.89 -4.22
N LEU B 247 14.51 27.01 -3.30
CA LEU B 247 14.75 25.99 -2.29
C LEU B 247 13.56 25.63 -1.40
N MET B 248 13.18 24.36 -1.40
CA MET B 248 12.15 23.83 -0.55
C MET B 248 12.51 22.45 -0.10
N ASP B 249 11.88 22.02 0.99
CA ASP B 249 11.99 20.64 1.43
C ASP B 249 11.48 19.72 0.32
N GLY B 250 12.11 18.56 0.18
CA GLY B 250 11.77 17.65 -0.89
C GLY B 250 12.47 17.96 -2.18
N ASP B 251 13.26 19.04 -2.22
CA ASP B 251 14.12 19.25 -3.39
C ASP B 251 15.08 18.04 -3.61
N ILE B 252 15.48 17.83 -4.84
CA ILE B 252 16.27 16.70 -5.23
C ILE B 252 17.55 17.17 -5.87
N ILE B 253 18.67 16.66 -5.36
CA ILE B 253 19.97 16.88 -6.00
C ILE B 253 20.41 15.57 -6.58
N VAL B 254 20.85 15.58 -7.83
CA VAL B 254 21.39 14.40 -8.50
C VAL B 254 22.87 14.63 -8.67
N PHE B 255 23.65 13.61 -8.42
CA PHE B 255 25.09 13.74 -8.60
C PHE B 255 25.63 12.53 -9.37
N GLN B 256 26.88 12.67 -9.81
CA GLN B 256 27.60 11.62 -10.51
C GLN B 256 29.10 11.93 -10.45
N LYS B 257 29.89 10.86 -10.55
CA LYS B 257 31.34 10.96 -10.74
C LYS B 257 31.68 11.97 -11.83
N ASP B 258 32.87 12.55 -11.74
CA ASP B 258 33.41 13.44 -12.75
C ASP B 258 34.60 12.73 -13.37
N ASP B 259 34.34 12.05 -14.48
CA ASP B 259 35.25 11.11 -15.08
C ASP B 259 35.11 11.18 -16.61
N PRO B 260 36.25 11.15 -17.34
CA PRO B 260 36.23 11.14 -18.81
C PRO B 260 35.59 9.90 -19.43
N GLU B 261 35.67 8.76 -18.75
CA GLU B 261 35.04 7.51 -19.21
C GLU B 261 33.53 7.69 -19.43
N ASN B 262 32.97 8.73 -18.83
CA ASN B 262 31.56 8.98 -19.01
C ASN B 262 31.29 9.26 -20.47
N ASP B 263 32.20 10.00 -21.09
CA ASP B 263 32.03 10.45 -22.48
C ASP B 263 31.89 9.30 -23.48
N ASN B 264 32.44 8.15 -23.13
CA ASN B 264 32.23 6.92 -23.90
C ASN B 264 30.74 6.58 -24.00
N SER B 265 30.02 6.79 -22.91
CA SER B 265 28.62 6.40 -22.82
C SER B 265 27.59 7.14 -23.69
N GLU B 266 26.46 6.47 -23.88
CA GLU B 266 25.34 6.97 -24.69
C GLU B 266 24.64 8.17 -24.03
N LEU B 267 24.56 8.17 -22.71
CA LEU B 267 24.01 9.27 -21.92
C LEU B 267 25.01 9.63 -20.84
N PRO B 268 25.98 10.49 -21.17
CA PRO B 268 27.06 10.83 -20.23
C PRO B 268 26.66 11.57 -18.94
N THR B 269 25.55 12.29 -18.96
CA THR B 269 25.14 13.06 -17.78
C THR B 269 23.70 12.84 -17.38
N ALA B 270 23.43 13.16 -16.14
CA ALA B 270 22.09 13.13 -15.58
C ALA B 270 21.18 14.02 -16.39
N LYS B 271 21.71 15.16 -16.82
CA LYS B 271 20.92 16.11 -17.62
C LYS B 271 20.40 15.42 -18.87
N GLU B 272 21.31 14.77 -19.58
CA GLU B 272 20.97 14.05 -20.81
C GLU B 272 20.08 12.85 -20.54
N TYR B 273 20.27 12.21 -19.39
CA TYR B 273 19.47 11.05 -19.02
C TYR B 273 18.01 11.41 -18.86
N PHE B 274 17.77 12.50 -18.14
CA PHE B 274 16.40 12.94 -17.89
C PHE B 274 15.73 13.40 -19.15
N ARG B 275 16.50 13.92 -20.11
CA ARG B 275 15.95 14.32 -21.41
C ARG B 275 15.51 13.09 -22.16
N ASP B 276 16.40 12.13 -22.27
CA ASP B 276 16.03 10.88 -22.88
C ASP B 276 14.71 10.37 -22.28
N LEU B 277 14.63 10.38 -20.94
CA LEU B 277 13.45 9.87 -20.23
C LEU B 277 12.17 10.64 -20.54
N TYR B 278 12.27 11.96 -20.58
CA TYR B 278 11.11 12.79 -20.80
C TYR B 278 10.40 12.38 -22.10
N HIS B 279 11.20 12.20 -23.15
CA HIS B 279 10.72 11.80 -24.48
C HIS B 279 10.37 10.31 -24.62
N ARG B 280 10.24 9.60 -23.51
CA ARG B 280 9.87 8.19 -23.51
C ARG B 280 8.35 8.03 -23.34
N VAL B 281 7.77 7.06 -24.03
CA VAL B 281 6.32 6.84 -23.93
C VAL B 281 5.94 5.42 -24.26
N ASP B 282 5.00 4.91 -23.47
CA ASP B 282 4.48 3.57 -23.63
C ASP B 282 3.19 3.68 -24.41
N VAL B 283 3.13 2.93 -25.50
CA VAL B 283 1.97 2.95 -26.36
C VAL B 283 1.42 1.53 -26.53
N ILE B 284 0.10 1.44 -26.58
CA ILE B 284 -0.60 0.17 -26.72
C ILE B 284 -1.04 0.02 -28.17
N PHE B 285 -0.72 -1.14 -28.74
CA PHE B 285 -1.07 -1.39 -30.13
C PHE B 285 -2.11 -2.50 -30.22
N CYS B 286 -3.32 -2.11 -30.64
CA CYS B 286 -4.43 -3.04 -30.86
C CYS B 286 -4.70 -3.28 -32.37
N ASP B 287 -4.75 -4.55 -32.75
CA ASP B 287 -5.04 -4.98 -34.13
C ASP B 287 -6.53 -4.82 -34.45
N LYS B 288 -6.86 -3.73 -35.14
CA LYS B 288 -8.23 -3.40 -35.49
C LYS B 288 -8.99 -4.63 -36.00
N ASP B 293 -9.09 -6.96 -29.09
CA ASP B 293 -7.69 -7.23 -28.76
C ASP B 293 -7.23 -6.30 -27.63
N PRO B 294 -6.79 -6.88 -26.49
CA PRO B 294 -6.27 -6.00 -25.45
C PRO B 294 -5.06 -5.21 -25.97
N GLY B 295 -4.31 -5.81 -26.88
CA GLY B 295 -3.14 -5.17 -27.48
C GLY B 295 -1.91 -5.42 -26.64
N PHE B 296 -0.79 -4.87 -27.08
CA PHE B 296 0.49 -5.03 -26.37
C PHE B 296 1.15 -3.68 -26.28
N VAL B 297 1.99 -3.52 -25.27
CA VAL B 297 2.62 -2.25 -25.00
C VAL B 297 4.03 -2.24 -25.59
N VAL B 298 4.33 -1.14 -26.28
CA VAL B 298 5.66 -0.91 -26.80
C VAL B 298 6.16 0.42 -26.28
N THR B 299 7.43 0.41 -25.90
CA THR B 299 8.10 1.59 -25.41
C THR B 299 8.79 2.26 -26.60
N LEU B 300 8.42 3.51 -26.83
CA LEU B 300 8.82 4.26 -27.99
C LEU B 300 9.37 5.59 -27.52
N SER B 301 9.82 6.40 -28.47
CA SER B 301 10.18 7.78 -28.19
C SER B 301 9.25 8.75 -28.88
N ASN B 302 8.90 9.84 -28.19
CA ASN B 302 8.06 10.93 -28.72
C ASN B 302 8.65 11.58 -29.94
N ARG B 303 9.96 11.44 -30.10
CA ARG B 303 10.67 12.04 -31.20
C ARG B 303 11.01 11.06 -32.31
N MET B 304 10.27 9.97 -32.40
CA MET B 304 10.40 9.04 -33.50
C MET B 304 9.57 9.50 -34.71
N ASN B 305 9.89 9.00 -35.90
CA ASN B 305 9.08 9.23 -37.12
C ASN B 305 8.31 7.98 -37.55
N TYR B 306 7.55 8.08 -38.64
CA TYR B 306 6.80 6.92 -39.12
C TYR B 306 7.68 5.67 -39.26
N PHE B 307 8.81 5.80 -39.95
CA PHE B 307 9.69 4.65 -40.19
C PHE B 307 10.04 3.98 -38.87
N GLN B 308 10.59 4.77 -37.94
CA GLN B 308 11.01 4.30 -36.62
C GLN B 308 9.88 3.62 -35.88
N VAL B 309 8.70 4.23 -35.87
CA VAL B 309 7.57 3.62 -35.19
C VAL B 309 7.24 2.27 -35.83
N ALA B 310 7.09 2.29 -37.15
CA ALA B 310 6.70 1.10 -37.90
C ALA B 310 7.70 -0.02 -37.70
N LYS B 311 8.98 0.29 -37.86
CA LYS B 311 10.03 -0.72 -37.78
C LYS B 311 10.10 -1.39 -36.40
N THR B 312 9.95 -0.58 -35.34
CA THR B 312 9.95 -1.10 -33.97
C THR B 312 8.81 -2.09 -33.77
N VAL B 313 7.61 -1.68 -34.12
CA VAL B 313 6.41 -2.51 -33.91
C VAL B 313 6.47 -3.81 -34.73
N ALA B 314 7.11 -3.73 -35.88
CA ALA B 314 7.30 -4.88 -36.74
C ALA B 314 8.22 -5.91 -36.07
N GLN B 315 9.40 -5.45 -35.65
CA GLN B 315 10.37 -6.28 -34.94
C GLN B 315 9.75 -7.00 -33.75
N ARG B 316 8.70 -6.43 -33.16
CA ARG B 316 7.93 -7.12 -32.11
C ARG B 316 7.07 -8.24 -32.69
N LEU B 317 6.51 -8.02 -33.88
CA LEU B 317 5.64 -9.03 -34.52
C LEU B 317 6.34 -9.98 -35.52
N ASN B 318 7.66 -9.86 -35.65
CA ASN B 318 8.45 -10.66 -36.61
C ASN B 318 7.91 -10.55 -38.03
N THR B 319 7.57 -9.33 -38.42
CA THR B 319 6.96 -9.08 -39.73
C THR B 319 7.63 -7.88 -40.40
N ASP B 320 7.21 -7.58 -41.62
CA ASP B 320 7.76 -6.47 -42.39
C ASP B 320 6.94 -5.21 -42.06
N PRO B 321 7.63 -4.07 -41.82
CA PRO B 321 6.95 -2.80 -41.64
C PRO B 321 5.95 -2.48 -42.77
N MET B 322 6.32 -2.78 -44.01
CA MET B 322 5.43 -2.65 -45.18
C MET B 322 4.06 -3.23 -44.97
N LEU B 323 4.01 -4.37 -44.28
CA LEU B 323 2.76 -5.07 -44.05
C LEU B 323 1.88 -4.46 -42.97
N LEU B 324 2.33 -3.38 -42.34
CA LEU B 324 1.56 -2.73 -41.27
C LEU B 324 0.88 -1.46 -41.72
N GLN B 325 -0.44 -1.40 -41.57
CA GLN B 325 -1.11 -0.09 -41.58
C GLN B 325 -1.55 0.41 -40.21
N PHE B 326 -1.10 1.60 -39.87
CA PHE B 326 -1.53 2.31 -38.68
C PHE B 326 -2.67 3.27 -38.99
N PHE B 327 -3.52 3.46 -37.99
CA PHE B 327 -4.64 4.39 -38.09
C PHE B 327 -4.46 5.48 -37.05
N LYS B 328 -4.89 6.68 -37.40
CA LYS B 328 -4.82 7.82 -36.50
C LYS B 328 -5.70 7.66 -35.25
N SER B 329 -5.49 8.55 -34.29
CA SER B 329 -6.29 8.61 -33.05
C SER B 329 -7.47 9.57 -33.20
N GLN B 330 -8.66 9.11 -32.81
CA GLN B 330 -9.85 9.96 -32.79
C GLN B 330 -9.84 10.83 -31.53
N ARG B 333 -13.44 10.16 -29.60
CA ARG B 333 -14.08 8.86 -29.39
C ARG B 333 -13.06 7.78 -29.05
N ASP B 334 -13.58 6.61 -28.70
CA ASP B 334 -12.80 5.39 -28.72
C ASP B 334 -13.02 4.73 -30.08
N GLY B 335 -11.95 4.18 -30.62
CA GLY B 335 -11.97 3.52 -31.92
C GLY B 335 -10.90 4.04 -32.87
N PRO B 336 -10.54 3.22 -33.87
CA PRO B 336 -9.55 3.61 -34.86
C PRO B 336 -10.04 4.74 -35.74
N GLY B 337 -9.19 5.73 -35.97
CA GLY B 337 -9.53 6.86 -36.81
C GLY B 337 -9.13 6.63 -38.26
N ASN B 338 -8.90 7.71 -38.98
CA ASN B 338 -8.42 7.65 -40.37
C ASN B 338 -7.09 6.92 -40.51
N PRO B 339 -6.85 6.28 -41.68
CA PRO B 339 -5.59 5.56 -41.90
C PRO B 339 -4.39 6.49 -42.05
N LEU B 340 -3.31 6.13 -41.37
CA LEU B 340 -2.08 6.91 -41.40
C LEU B 340 -1.27 6.54 -42.63
N ARG B 341 -0.83 7.55 -43.37
CA ARG B 341 -0.11 7.32 -44.61
C ARG B 341 1.40 7.27 -44.38
N HIS B 342 2.05 6.28 -44.98
CA HIS B 342 3.44 5.96 -44.65
C HIS B 342 4.42 7.03 -45.02
N ASN B 343 3.95 8.11 -45.63
CA ASN B 343 4.81 9.27 -45.94
C ASN B 343 4.60 10.40 -44.95
N TYR B 344 3.83 10.11 -43.89
CA TYR B 344 3.65 11.02 -42.76
C TYR B 344 4.98 11.60 -42.31
N GLU B 345 5.05 12.93 -42.20
CA GLU B 345 6.30 13.62 -41.89
C GLU B 345 6.47 14.00 -40.42
N GLY B 346 5.36 13.97 -39.67
CA GLY B 346 5.37 14.29 -38.26
C GLY B 346 6.08 13.31 -37.33
N THR B 347 5.82 13.45 -36.04
CA THR B 347 6.45 12.63 -35.00
C THR B 347 5.40 11.89 -34.21
N LEU B 348 5.86 10.89 -33.46
CA LEU B 348 4.97 10.14 -32.59
C LEU B 348 4.28 11.06 -31.58
N ARG B 349 4.95 12.14 -31.17
CA ARG B 349 4.31 13.17 -30.35
C ARG B 349 3.04 13.71 -31.02
N ASP B 350 3.20 14.10 -32.28
CA ASP B 350 2.11 14.69 -33.04
C ASP B 350 0.93 13.73 -33.07
N LEU B 351 1.21 12.45 -33.30
CA LEU B 351 0.14 11.45 -33.31
C LEU B 351 -0.55 11.28 -31.95
N LEU B 352 0.20 11.50 -30.87
CA LEU B 352 -0.29 11.28 -29.49
C LEU B 352 -0.81 12.57 -28.82
N GLN B 353 -0.81 13.69 -29.56
CA GLN B 353 -1.17 15.00 -29.00
C GLN B 353 -2.62 15.14 -28.53
N PHE B 354 -3.48 14.17 -28.83
CA PHE B 354 -4.87 14.24 -28.36
C PHE B 354 -5.12 13.30 -27.19
N PHE B 355 -4.08 12.99 -26.41
CA PHE B 355 -4.23 12.14 -25.23
C PHE B 355 -4.04 12.94 -23.94
N LYS B 356 -4.92 12.74 -22.96
CA LYS B 356 -4.82 13.43 -21.67
C LYS B 356 -3.79 12.73 -20.78
N PRO B 357 -3.19 13.46 -19.82
CA PRO B 357 -2.14 12.97 -18.91
C PRO B 357 -2.40 11.59 -18.28
N ARG B 358 -3.64 11.34 -17.84
CA ARG B 358 -4.02 10.07 -17.22
C ARG B 358 -4.43 9.01 -18.24
N GLN B 359 -4.64 9.43 -19.49
CA GLN B 359 -5.17 8.54 -20.53
C GLN B 359 -4.10 7.58 -21.08
N PRO B 360 -4.39 6.26 -21.08
CA PRO B 360 -3.38 5.32 -21.59
C PRO B 360 -3.29 5.38 -23.12
N LYS B 361 -2.07 5.58 -23.62
CA LYS B 361 -1.84 5.89 -25.02
C LYS B 361 -1.88 4.66 -25.93
N LYS B 362 -2.87 4.66 -26.83
CA LYS B 362 -3.14 3.51 -27.67
C LYS B 362 -3.26 3.94 -29.16
N LEU B 363 -2.76 3.09 -30.07
CA LEU B 363 -2.92 3.26 -31.53
C LEU B 363 -3.34 1.95 -32.20
N TYR B 364 -4.25 2.05 -33.16
CA TYR B 364 -4.70 0.86 -33.88
C TYR B 364 -3.89 0.61 -35.14
N TYR B 365 -3.63 -0.65 -35.44
CA TYR B 365 -2.93 -1.06 -36.65
C TYR B 365 -3.64 -2.26 -37.25
N GLN B 366 -3.26 -2.63 -38.48
CA GLN B 366 -3.64 -3.94 -39.03
C GLN B 366 -2.62 -4.44 -40.04
N GLN B 367 -2.60 -5.75 -40.24
CA GLN B 367 -1.61 -6.38 -41.14
C GLN B 367 -2.27 -6.90 -42.43
N LEU B 368 -1.43 -7.30 -43.38
CA LEU B 368 -1.86 -7.49 -44.76
C LEU B 368 -1.19 -8.69 -45.40
N GLY C 1 18.54 36.79 6.84
CA GLY C 1 18.73 35.37 7.26
C GLY C 1 18.13 34.36 6.29
N PRO C 2 18.93 33.34 5.86
CA PRO C 2 18.50 32.43 4.76
C PRO C 2 17.30 31.53 5.08
N ARG C 3 16.45 31.33 4.07
CA ARG C 3 15.18 30.60 4.23
C ARG C 3 14.87 29.73 3.02
N LYS C 4 13.86 28.89 3.15
CA LYS C 4 13.36 28.17 2.03
C LYS C 4 12.35 29.08 1.35
N CYS C 5 11.91 28.72 0.17
CA CYS C 5 10.87 29.43 -0.54
C CYS C 5 9.56 28.81 -0.12
N ALA C 6 8.50 29.60 -0.10
CA ALA C 6 7.23 29.12 0.42
C ALA C 6 6.46 28.33 -0.63
N ARG C 7 6.86 28.47 -1.88
CA ARG C 7 6.26 27.72 -2.99
C ARG C 7 7.15 27.79 -4.26
N LYS C 8 6.67 27.25 -5.37
CA LYS C 8 7.46 27.15 -6.61
C LYS C 8 6.76 27.90 -7.71
N THR C 9 7.52 28.58 -8.58
CA THR C 9 6.93 29.64 -9.41
C THR C 9 7.21 29.53 -10.92
N ARG C 10 7.32 28.31 -11.44
CA ARG C 10 7.49 28.09 -12.90
C ARG C 10 6.52 27.04 -13.45
N PRO D 2 -18.63 -34.06 -7.30
CA PRO D 2 -18.76 -33.22 -6.11
C PRO D 2 -18.60 -31.74 -6.44
N ARG D 3 -19.25 -30.88 -5.66
CA ARG D 3 -19.32 -29.44 -5.96
C ARG D 3 -19.05 -28.49 -4.78
N LYS D 4 -18.67 -27.25 -5.10
CA LYS D 4 -18.58 -26.18 -4.11
C LYS D 4 -19.94 -25.57 -3.93
N CYS D 5 -20.17 -24.97 -2.76
CA CYS D 5 -21.38 -24.20 -2.54
C CYS D 5 -21.19 -22.87 -3.23
N ALA D 6 -22.29 -22.17 -3.48
CA ALA D 6 -22.24 -20.88 -4.14
C ALA D 6 -22.20 -19.76 -3.12
N ARG D 7 -22.65 -20.02 -1.90
CA ARG D 7 -22.71 -18.99 -0.87
C ARG D 7 -22.77 -19.59 0.56
N LYS D 8 -22.19 -18.88 1.54
CA LYS D 8 -22.24 -19.29 2.95
C LYS D 8 -23.56 -18.85 3.56
N THR D 9 -24.00 -19.52 4.63
CA THR D 9 -25.32 -19.27 5.20
C THR D 9 -25.41 -19.48 6.72
N ARG D 10 -24.33 -19.17 7.45
CA ARG D 10 -24.37 -19.26 8.93
C ARG D 10 -23.19 -18.53 9.54
CL CL E . -19.21 -14.26 23.45
CL CL F . -10.75 -13.25 31.97
CL CL G . -20.93 10.74 42.18
CL CL H . 11.05 19.67 -25.79
#